data_4OVT
#
_entry.id   4OVT
#
_cell.length_a   83.109
_cell.length_b   123.234
_cell.length_c   164.341
_cell.angle_alpha   90.000
_cell.angle_beta   90.000
_cell.angle_gamma   90.000
#
_symmetry.space_group_name_H-M   'I 2 2 2'
#
loop_
_entity.id
_entity.type
_entity.pdbx_description
1 polymer 'TRAP dicarboxylate transporter, DctP subunit'
2 non-polymer 'CHLORIDE ION'
3 non-polymer '6-deoxy-L-galactonic acid'
4 non-polymer DI(HYDROXYETHYL)ETHER
5 water water
#
_entity_poly.entity_id   1
_entity_poly.type   'polypeptide(L)'
_entity_poly.pdbx_seq_one_letter_code
;(MSE)HHHHHHSSGVDLGTENLYFQS(MSE)ANVSIKVAYENNPGEPFDEV(MSE)HYWKDDLAKRSNGEITLELYPSSQ
LGSKKDVTEQA(MSE)(MSE)GLNVVTISDVGFLAEYDPDLGVLYGPFLTDDPAQLFKVYDGPWFKEKSEELKKKGIHIV
(MSE)PNYLYGIRQIISKKPIRTPEDLKG(MSE)KIRVPNNV(MSE)QIKTFEA(MSE)GATPTP(MSE)PLGETFPALA
QGVIDGVENPISVLYGQKFQEEAKYLSKVGYLTNVALIVGGEAFFSTLPEDQLK(MSE)IHESAYDAGLYSQKLTIEKDN
E(MSE)IEK(MSE)KEAGVEIIDVDRAPFKALAEKVYTQFPEWSPGLYDKIKAELN
;
_entity_poly.pdbx_strand_id   A,B
#
loop_
_chem_comp.id
_chem_comp.type
_chem_comp.name
_chem_comp.formula
CL non-polymer 'CHLORIDE ION' 'Cl -1'
LFC L-saccharide '6-deoxy-L-galactonic acid' 'C6 H12 O6'
PEG non-polymer DI(HYDROXYETHYL)ETHER 'C4 H10 O3'
#
# COMPACT_ATOMS: atom_id res chain seq x y z
N ALA A 24 2.66 -6.36 22.76
CA ALA A 24 2.48 -4.98 22.30
C ALA A 24 1.11 -4.80 21.63
N ASN A 25 0.51 -3.63 21.86
CA ASN A 25 -0.84 -3.36 21.35
C ASN A 25 -0.83 -2.96 19.89
N VAL A 26 -1.74 -3.55 19.12
CA VAL A 26 -1.78 -3.32 17.70
C VAL A 26 -3.22 -2.98 17.35
N SER A 27 -3.41 -1.84 16.69
CA SER A 27 -4.71 -1.46 16.18
C SER A 27 -4.73 -1.60 14.64
N ILE A 28 -5.83 -2.11 14.11
CA ILE A 28 -6.02 -2.26 12.67
C ILE A 28 -7.40 -1.73 12.26
N LYS A 29 -7.40 -0.77 11.35
CA LYS A 29 -8.64 -0.19 10.85
C LYS A 29 -9.22 -1.11 9.78
N VAL A 30 -10.53 -1.35 9.85
CA VAL A 30 -11.20 -2.25 8.91
C VAL A 30 -12.26 -1.46 8.15
N ALA A 31 -11.99 -1.22 6.87
CA ALA A 31 -12.81 -0.39 6.01
C ALA A 31 -13.75 -1.21 5.14
N TYR A 32 -15.01 -0.80 5.09
CA TYR A 32 -15.95 -1.47 4.21
C TYR A 32 -17.13 -0.55 3.90
N GLU A 33 -17.80 -0.86 2.79
CA GLU A 33 -18.90 -0.06 2.30
C GLU A 33 -20.24 -0.44 2.94
N ASN A 34 -20.34 -1.63 3.48
CA ASN A 34 -21.58 -2.14 4.04
C ASN A 34 -22.02 -1.36 5.26
N ASN A 35 -23.33 -1.23 5.46
CA ASN A 35 -23.84 -0.46 6.60
C ASN A 35 -23.96 -1.31 7.86
N PRO A 36 -23.98 -0.65 9.03
CA PRO A 36 -24.18 -1.39 10.29
C PRO A 36 -25.44 -2.27 10.27
N GLY A 37 -25.32 -3.50 10.75
CA GLY A 37 -26.42 -4.44 10.73
C GLY A 37 -26.49 -5.40 9.54
N GLU A 38 -25.81 -5.07 8.44
CA GLU A 38 -25.69 -5.99 7.33
C GLU A 38 -24.92 -7.21 7.83
N PRO A 39 -25.13 -8.37 7.19
CA PRO A 39 -24.40 -9.58 7.55
C PRO A 39 -22.89 -9.33 7.51
N PHE A 40 -22.41 -8.55 6.54
CA PHE A 40 -20.98 -8.32 6.46
C PHE A 40 -20.48 -7.61 7.71
N ASP A 41 -21.24 -6.62 8.17
CA ASP A 41 -20.90 -5.89 9.39
C ASP A 41 -20.95 -6.82 10.59
N GLU A 42 -21.95 -7.69 10.64
CA GLU A 42 -22.00 -8.70 11.70
C GLU A 42 -20.77 -9.60 11.73
N VAL A 43 -20.29 -10.02 10.56
CA VAL A 43 -19.11 -10.86 10.52
C VAL A 43 -17.82 -10.10 10.93
N MSE A 44 -17.76 -8.80 10.63
CA MSE A 44 -16.65 -7.98 11.10
C MSE A 44 -16.66 -7.92 12.63
O MSE A 44 -15.60 -7.96 13.25
CB MSE A 44 -16.66 -6.60 10.48
CG MSE A 44 -16.45 -6.56 8.97
SE MSE A 44 -14.78 -7.41 8.37
CE MSE A 44 -15.45 -9.22 7.90
H MSE A 44 -18.35 -8.37 10.16
HA MSE A 44 -15.82 -8.43 10.82
HB2 MSE A 44 -17.52 -6.19 10.66
HB3 MSE A 44 -15.96 -6.07 10.88
HG2 MSE A 44 -17.18 -7.03 8.54
HG3 MSE A 44 -16.43 -5.64 8.67
HE1 MSE A 44 -14.72 -9.75 7.58
HE2 MSE A 44 -15.84 -9.62 8.68
HE3 MSE A 44 -16.12 -9.13 7.21
N HIS A 45 -17.85 -7.86 13.24
CA HIS A 45 -17.95 -7.89 14.70
C HIS A 45 -17.47 -9.23 15.27
N TYR A 46 -17.87 -10.32 14.62
CA TYR A 46 -17.38 -11.66 14.98
C TYR A 46 -15.84 -11.70 14.95
N TRP A 47 -15.28 -11.19 13.88
CA TRP A 47 -13.81 -11.19 13.71
C TRP A 47 -13.15 -10.37 14.81
N LYS A 48 -13.65 -9.15 15.02
CA LYS A 48 -13.09 -8.29 16.06
C LYS A 48 -13.09 -8.95 17.45
N ASP A 49 -14.18 -9.65 17.78
CA ASP A 49 -14.35 -10.28 19.11
C ASP A 49 -13.45 -11.51 19.24
N ASP A 50 -13.42 -12.31 18.18
CA ASP A 50 -12.56 -13.49 18.10
C ASP A 50 -11.09 -13.09 18.29
N LEU A 51 -10.64 -12.09 17.54
CA LEU A 51 -9.24 -11.65 17.62
C LEU A 51 -8.90 -11.01 18.96
N ALA A 52 -9.86 -10.26 19.52
CA ALA A 52 -9.68 -9.62 20.82
C ALA A 52 -9.47 -10.69 21.90
N LYS A 53 -10.23 -11.77 21.81
CA LYS A 53 -10.13 -12.84 22.80
C LYS A 53 -8.85 -13.64 22.66
N ARG A 54 -8.47 -13.96 21.43
CA ARG A 54 -7.24 -14.69 21.19
C ARG A 54 -6.03 -13.90 21.69
N SER A 55 -6.09 -12.58 21.56
CA SER A 55 -4.92 -11.74 21.83
C SER A 55 -4.99 -11.07 23.21
N ASN A 56 -5.98 -11.46 24.01
CA ASN A 56 -6.19 -10.83 25.29
C ASN A 56 -6.26 -9.31 25.18
N GLY A 57 -6.98 -8.83 24.17
CA GLY A 57 -7.20 -7.40 24.02
C GLY A 57 -6.07 -6.64 23.36
N GLU A 58 -4.99 -7.33 23.01
CA GLU A 58 -3.82 -6.64 22.46
C GLU A 58 -3.95 -6.29 20.98
N ILE A 59 -4.73 -7.05 20.24
CA ILE A 59 -4.94 -6.73 18.84
C ILE A 59 -6.40 -6.31 18.64
N THR A 60 -6.58 -5.05 18.26
CA THR A 60 -7.90 -4.43 18.26
C THR A 60 -8.29 -4.01 16.85
N LEU A 61 -9.38 -4.55 16.32
CA LEU A 61 -9.92 -4.06 15.06
C LEU A 61 -10.82 -2.85 15.34
N GLU A 62 -10.63 -1.79 14.56
CA GLU A 62 -11.43 -0.58 14.63
C GLU A 62 -12.29 -0.57 13.35
N LEU A 63 -13.60 -0.76 13.47
CA LEU A 63 -14.46 -0.93 12.30
C LEU A 63 -14.95 0.40 11.70
N TYR A 64 -14.86 0.52 10.38
CA TYR A 64 -15.29 1.73 9.64
C TYR A 64 -16.27 1.33 8.53
N PRO A 65 -17.53 1.08 8.90
CA PRO A 65 -18.58 0.80 7.92
C PRO A 65 -18.95 2.01 7.06
N SER A 66 -19.81 1.76 6.08
CA SER A 66 -20.49 2.84 5.35
C SER A 66 -19.52 3.74 4.59
N SER A 67 -18.38 3.17 4.20
CA SER A 67 -17.38 3.85 3.39
C SER A 67 -16.86 5.11 4.11
N GLN A 68 -16.81 5.07 5.43
CA GLN A 68 -16.24 6.18 6.17
C GLN A 68 -14.81 6.53 5.77
N LEU A 69 -14.02 5.54 5.33
CA LEU A 69 -12.63 5.85 4.96
C LEU A 69 -12.46 6.06 3.45
N GLY A 70 -13.57 6.16 2.73
CA GLY A 70 -13.54 6.50 1.31
C GLY A 70 -13.71 5.28 0.42
N SER A 71 -13.17 5.36 -0.78
CA SER A 71 -13.40 4.34 -1.79
C SER A 71 -12.45 3.16 -1.61
N LYS A 72 -12.93 1.99 -2.04
CA LYS A 72 -12.15 0.77 -1.96
C LYS A 72 -10.76 0.90 -2.61
N LYS A 73 -10.69 1.47 -3.81
CA LYS A 73 -9.41 1.55 -4.50
C LYS A 73 -8.44 2.46 -3.75
N ASP A 74 -8.95 3.56 -3.21
CA ASP A 74 -8.11 4.46 -2.43
C ASP A 74 -7.65 3.86 -1.11
N VAL A 75 -8.55 3.21 -0.37
CA VAL A 75 -8.16 2.54 0.85
C VAL A 75 -7.04 1.52 0.59
N THR A 76 -7.16 0.77 -0.51
CA THR A 76 -6.15 -0.21 -0.89
C THR A 76 -4.77 0.48 -1.12
N GLU A 77 -4.77 1.64 -1.79
CA GLU A 77 -3.54 2.38 -2.02
C GLU A 77 -2.91 2.82 -0.70
N GLN A 78 -3.74 3.28 0.25
CA GLN A 78 -3.20 3.72 1.55
C GLN A 78 -2.55 2.54 2.29
N ALA A 79 -3.21 1.37 2.23
CA ALA A 79 -2.71 0.14 2.84
C ALA A 79 -1.34 -0.22 2.23
N MSE A 80 -1.22 -0.05 0.92
CA MSE A 80 0.00 -0.43 0.20
C MSE A 80 1.21 0.42 0.62
O MSE A 80 2.36 0.00 0.55
CB MSE A 80 -0.23 -0.36 -1.30
CG MSE A 80 -1.10 -1.48 -1.79
SE MSE A 80 -1.67 -1.21 -3.67
CE MSE A 80 0.05 -1.68 -4.51
H MSE A 80 -1.84 0.28 0.42
HA MSE A 80 0.20 -1.36 0.42
HB2 MSE A 80 -0.67 0.48 -1.52
HB3 MSE A 80 0.62 -0.41 -1.76
HG2 MSE A 80 -0.61 -2.31 -1.73
HG3 MSE A 80 -1.90 -1.52 -1.24
HE1 MSE A 80 -0.04 -1.60 -5.46
HE2 MSE A 80 0.73 -1.08 -4.19
HE3 MSE A 80 0.28 -2.59 -4.27
N MSE A 81 0.92 1.64 1.08
CA MSE A 81 1.99 2.50 1.57
C MSE A 81 2.34 2.26 3.03
O MSE A 81 3.27 2.89 3.57
CB MSE A 81 1.61 3.96 1.33
CG MSE A 81 1.70 4.36 -0.13
SE MSE A 81 1.30 6.27 -0.40
CE MSE A 81 -0.62 6.17 0.04
H MSE A 81 0.14 1.98 1.11
HA MSE A 81 2.80 2.33 1.03
HB2 MSE A 81 0.69 4.10 1.62
HB3 MSE A 81 2.20 4.54 1.83
HG2 MSE A 81 2.59 4.18 -0.44
HG3 MSE A 81 1.05 3.83 -0.64
HE1 MSE A 81 -1.01 7.05 -0.04
HE2 MSE A 81 -1.05 5.57 -0.57
HE3 MSE A 81 -0.72 5.85 0.95
N GLY A 82 1.59 1.38 3.68
CA GLY A 82 1.88 0.96 5.04
C GLY A 82 0.88 1.35 6.10
N LEU A 83 -0.21 2.00 5.70
CA LEU A 83 -1.24 2.32 6.68
C LEU A 83 -1.83 1.05 7.28
N ASN A 84 -2.11 1.11 8.58
CA ASN A 84 -2.65 -0.01 9.34
C ASN A 84 -4.15 -0.16 9.07
N VAL A 85 -4.48 -0.38 7.80
CA VAL A 85 -5.86 -0.49 7.37
C VAL A 85 -6.02 -1.71 6.46
N VAL A 86 -7.16 -2.36 6.58
CA VAL A 86 -7.56 -3.36 5.61
C VAL A 86 -8.92 -3.00 5.01
N THR A 87 -9.21 -3.56 3.83
CA THR A 87 -10.52 -3.35 3.20
C THR A 87 -11.09 -4.67 2.65
N ILE A 88 -12.41 -4.73 2.55
CA ILE A 88 -13.06 -5.79 1.80
C ILE A 88 -12.76 -5.52 0.33
N SER A 89 -12.50 -6.59 -0.43
CA SER A 89 -12.22 -6.50 -1.86
C SER A 89 -12.47 -7.86 -2.51
N ASP A 90 -12.01 -8.02 -3.74
CA ASP A 90 -12.25 -9.27 -4.47
C ASP A 90 -11.21 -9.41 -5.56
N VAL A 91 -11.13 -10.59 -6.19
CA VAL A 91 -10.10 -10.82 -7.17
C VAL A 91 -10.28 -9.99 -8.45
N GLY A 92 -11.51 -9.53 -8.72
CA GLY A 92 -11.71 -8.62 -9.83
C GLY A 92 -11.04 -7.27 -9.65
N PHE A 93 -11.03 -6.75 -8.42
CA PHE A 93 -10.27 -5.53 -8.12
C PHE A 93 -8.76 -5.83 -8.16
N LEU A 94 -8.36 -6.96 -7.59
CA LEU A 94 -6.93 -7.30 -7.48
C LEU A 94 -6.29 -7.58 -8.84
N ALA A 95 -7.13 -7.85 -9.83
CA ALA A 95 -6.68 -8.05 -11.21
C ALA A 95 -5.96 -6.83 -11.75
N GLU A 96 -6.23 -5.68 -11.18
CA GLU A 96 -5.55 -4.46 -11.58
C GLU A 96 -4.04 -4.59 -11.36
N TYR A 97 -3.67 -5.34 -10.30
CA TYR A 97 -2.28 -5.51 -9.87
C TYR A 97 -1.72 -6.84 -10.35
N ASP A 98 -2.59 -7.83 -10.58
CA ASP A 98 -2.16 -9.16 -11.01
C ASP A 98 -3.21 -9.72 -12.00
N PRO A 99 -3.02 -9.47 -13.31
CA PRO A 99 -4.08 -9.66 -14.30
C PRO A 99 -4.75 -11.03 -14.32
N ASP A 100 -3.99 -12.12 -14.16
CA ASP A 100 -4.63 -13.43 -14.24
C ASP A 100 -5.71 -13.69 -13.17
N LEU A 101 -5.71 -12.93 -12.08
CA LEU A 101 -6.76 -13.13 -11.06
C LEU A 101 -8.18 -12.82 -11.58
N GLY A 102 -8.26 -12.02 -12.64
CA GLY A 102 -9.56 -11.60 -13.17
C GLY A 102 -10.47 -12.76 -13.57
N VAL A 103 -9.89 -13.84 -14.07
CA VAL A 103 -10.70 -14.96 -14.52
C VAL A 103 -11.57 -15.50 -13.39
N LEU A 104 -11.07 -15.41 -12.16
CA LEU A 104 -11.79 -15.97 -11.02
C LEU A 104 -13.01 -15.10 -10.61
N TYR A 105 -13.14 -13.90 -11.15
CA TYR A 105 -14.34 -13.10 -10.91
C TYR A 105 -15.30 -13.13 -12.10
N GLY A 106 -15.12 -14.10 -12.98
CA GLY A 106 -15.91 -14.19 -14.20
C GLY A 106 -17.35 -14.58 -13.89
N PRO A 107 -18.27 -14.22 -14.79
CA PRO A 107 -19.68 -14.50 -14.55
C PRO A 107 -20.04 -15.99 -14.76
N PHE A 108 -21.00 -16.43 -13.96
CA PHE A 108 -21.55 -17.78 -14.05
C PHE A 108 -20.46 -18.86 -13.97
N LEU A 109 -19.38 -18.60 -13.23
CA LEU A 109 -18.27 -19.56 -13.18
C LEU A 109 -18.79 -20.86 -12.59
N THR A 110 -19.60 -20.72 -11.54
CA THR A 110 -20.24 -21.85 -10.91
C THR A 110 -21.29 -21.38 -9.94
N ASP A 111 -22.26 -22.23 -9.65
CA ASP A 111 -23.28 -21.92 -8.65
C ASP A 111 -22.96 -22.52 -7.27
N ASP A 112 -21.88 -23.30 -7.21
CA ASP A 112 -21.52 -24.04 -6.00
C ASP A 112 -20.35 -23.41 -5.27
N PRO A 113 -20.60 -22.79 -4.13
CA PRO A 113 -19.49 -22.14 -3.41
C PRO A 113 -18.35 -23.12 -3.12
N ALA A 114 -18.69 -24.37 -2.87
CA ALA A 114 -17.66 -25.37 -2.54
C ALA A 114 -16.63 -25.49 -3.66
N GLN A 115 -17.08 -25.52 -4.92
CA GLN A 115 -16.18 -25.55 -6.07
C GLN A 115 -15.31 -24.32 -6.13
N LEU A 116 -15.90 -23.15 -5.90
CA LEU A 116 -15.09 -21.93 -5.87
C LEU A 116 -14.00 -22.01 -4.83
N PHE A 117 -14.36 -22.47 -3.63
CA PHE A 117 -13.40 -22.46 -2.55
C PHE A 117 -12.22 -23.44 -2.83
N LYS A 118 -12.44 -24.41 -3.71
CA LYS A 118 -11.38 -25.34 -4.14
C LYS A 118 -10.29 -24.57 -4.87
N VAL A 119 -10.69 -23.63 -5.71
CA VAL A 119 -9.72 -22.78 -6.38
C VAL A 119 -9.02 -21.85 -5.37
N TYR A 120 -9.79 -21.20 -4.48
CA TYR A 120 -9.13 -20.35 -3.47
C TYR A 120 -8.16 -21.14 -2.60
N ASP A 121 -8.42 -22.43 -2.42
CA ASP A 121 -7.56 -23.28 -1.60
C ASP A 121 -6.46 -23.97 -2.39
N GLY A 122 -6.41 -23.76 -3.70
CA GLY A 122 -5.48 -24.49 -4.55
C GLY A 122 -4.14 -23.78 -4.73
N PRO A 123 -3.22 -24.44 -5.45
CA PRO A 123 -1.86 -23.91 -5.54
C PRO A 123 -1.74 -22.75 -6.50
N TRP A 124 -2.64 -22.62 -7.49
CA TRP A 124 -2.56 -21.48 -8.38
C TRP A 124 -2.87 -20.19 -7.61
N PHE A 125 -3.90 -20.26 -6.76
CA PHE A 125 -4.28 -19.08 -5.99
C PHE A 125 -3.16 -18.77 -5.01
N LYS A 126 -2.52 -19.80 -4.47
CA LYS A 126 -1.41 -19.55 -3.55
C LYS A 126 -0.30 -18.78 -4.26
N GLU A 127 0.05 -19.23 -5.45
CA GLU A 127 1.06 -18.57 -6.24
C GLU A 127 0.67 -17.10 -6.46
N LYS A 128 -0.57 -16.86 -6.84
CA LYS A 128 -1.05 -15.49 -7.01
C LYS A 128 -0.92 -14.67 -5.74
N SER A 129 -1.31 -15.25 -4.61
CA SER A 129 -1.24 -14.51 -3.36
C SER A 129 0.20 -14.13 -3.03
N GLU A 130 1.16 -14.99 -3.36
CA GLU A 130 2.56 -14.69 -3.11
C GLU A 130 3.08 -13.61 -4.05
N GLU A 131 2.67 -13.67 -5.32
CA GLU A 131 2.93 -12.58 -6.27
C GLU A 131 2.43 -11.24 -5.75
N LEU A 132 1.22 -11.23 -5.23
CA LEU A 132 0.61 -10.00 -4.72
C LEU A 132 1.43 -9.38 -3.59
N LYS A 133 2.05 -10.21 -2.75
CA LYS A 133 2.85 -9.69 -1.63
C LYS A 133 3.99 -8.83 -2.15
N LYS A 134 4.64 -9.30 -3.22
CA LYS A 134 5.74 -8.57 -3.84
C LYS A 134 5.26 -7.24 -4.44
N LYS A 135 3.99 -7.19 -4.79
CA LYS A 135 3.35 -5.98 -5.28
C LYS A 135 2.81 -5.07 -4.17
N GLY A 136 2.98 -5.50 -2.92
CA GLY A 136 2.57 -4.68 -1.79
C GLY A 136 1.25 -5.07 -1.19
N ILE A 137 0.66 -6.17 -1.68
CA ILE A 137 -0.71 -6.51 -1.28
C ILE A 137 -0.75 -7.83 -0.50
N HIS A 138 -1.31 -7.76 0.71
CA HIS A 138 -1.34 -8.87 1.64
C HIS A 138 -2.78 -9.31 1.87
N ILE A 139 -3.13 -10.53 1.43
CA ILE A 139 -4.47 -11.04 1.70
C ILE A 139 -4.54 -11.57 3.12
N VAL A 140 -5.48 -11.04 3.88
CA VAL A 140 -5.67 -11.35 5.30
C VAL A 140 -6.76 -12.42 5.48
N MSE A 141 -7.90 -12.22 4.81
CA MSE A 141 -9.02 -13.16 4.84
C MSE A 141 -9.30 -13.59 3.40
O MSE A 141 -9.70 -12.78 2.58
CB MSE A 141 -10.26 -12.51 5.46
CG MSE A 141 -11.43 -13.48 5.62
SE MSE A 141 -13.06 -12.66 6.32
CE MSE A 141 -12.39 -11.82 7.95
H MSE A 141 -8.04 -11.53 4.33
HA MSE A 141 -8.77 -13.95 5.38
HB2 MSE A 141 -10.04 -12.16 6.34
HB3 MSE A 141 -10.56 -11.79 4.89
HG2 MSE A 141 -11.63 -13.86 4.75
HG3 MSE A 141 -11.16 -14.19 6.24
HE1 MSE A 141 -13.12 -11.38 8.40
HE2 MSE A 141 -12.02 -12.50 8.53
HE3 MSE A 141 -11.70 -11.19 7.72
N PRO A 142 -9.15 -14.89 3.11
CA PRO A 142 -9.29 -15.34 1.74
C PRO A 142 -10.58 -16.12 1.47
N ASN A 143 -11.53 -16.12 2.40
CA ASN A 143 -12.63 -17.06 2.31
C ASN A 143 -13.98 -16.54 2.77
N TYR A 144 -14.29 -15.28 2.47
CA TYR A 144 -15.58 -14.68 2.84
C TYR A 144 -16.64 -15.02 1.78
N LEU A 145 -17.78 -15.59 2.18
CA LEU A 145 -18.89 -15.80 1.25
C LEU A 145 -19.78 -14.56 1.24
N TYR A 146 -19.63 -13.76 0.19
CA TYR A 146 -20.34 -12.47 0.10
C TYR A 146 -21.79 -12.67 -0.31
N GLY A 147 -22.05 -13.68 -1.15
CA GLY A 147 -23.40 -14.07 -1.49
C GLY A 147 -23.53 -14.29 -2.98
N ILE A 148 -24.75 -14.34 -3.51
CA ILE A 148 -24.92 -14.47 -4.94
C ILE A 148 -25.51 -13.13 -5.42
N ARG A 149 -24.87 -12.53 -6.41
CA ARG A 149 -25.26 -11.18 -6.85
C ARG A 149 -26.51 -11.19 -7.74
N GLN A 150 -27.50 -10.41 -7.31
CA GLN A 150 -28.78 -10.23 -8.02
C GLN A 150 -28.86 -8.79 -8.49
N ILE A 151 -29.93 -8.45 -9.21
CA ILE A 151 -30.11 -7.09 -9.69
C ILE A 151 -31.41 -6.52 -9.13
N ILE A 152 -31.35 -5.32 -8.57
CA ILE A 152 -32.56 -4.58 -8.24
C ILE A 152 -32.65 -3.39 -9.19
N SER A 153 -33.86 -3.15 -9.69
CA SER A 153 -34.00 -2.14 -10.71
C SER A 153 -35.40 -1.52 -10.74
N LYS A 154 -35.52 -0.45 -11.50
CA LYS A 154 -36.75 0.33 -11.55
C LYS A 154 -37.79 -0.31 -12.44
N LYS A 155 -37.34 -1.16 -13.35
CA LYS A 155 -38.22 -1.97 -14.21
C LYS A 155 -37.71 -3.41 -14.21
N PRO A 156 -38.62 -4.38 -14.40
CA PRO A 156 -38.24 -5.78 -14.22
C PRO A 156 -37.29 -6.29 -15.30
N ILE A 157 -36.33 -7.10 -14.89
CA ILE A 157 -35.42 -7.70 -15.84
C ILE A 157 -35.74 -9.21 -15.93
N ARG A 158 -36.46 -9.60 -16.98
CA ARG A 158 -36.77 -11.00 -17.20
C ARG A 158 -35.95 -11.62 -18.33
N THR A 159 -35.48 -10.78 -19.25
CA THR A 159 -34.75 -11.26 -20.42
C THR A 159 -33.59 -10.30 -20.62
N PRO A 160 -32.56 -10.73 -21.37
CA PRO A 160 -31.46 -9.82 -21.67
C PRO A 160 -31.93 -8.58 -22.43
N GLU A 161 -32.99 -8.75 -23.22
CA GLU A 161 -33.54 -7.64 -23.99
C GLU A 161 -34.01 -6.51 -23.07
N ASP A 162 -34.48 -6.85 -21.88
CA ASP A 162 -34.88 -5.83 -20.90
C ASP A 162 -33.71 -4.93 -20.46
N LEU A 163 -32.48 -5.44 -20.56
CA LEU A 163 -31.34 -4.65 -20.11
C LEU A 163 -30.97 -3.52 -21.07
N LYS A 164 -31.41 -3.59 -22.31
CA LYS A 164 -31.09 -2.57 -23.30
C LYS A 164 -31.65 -1.23 -22.88
N GLY A 165 -30.76 -0.23 -22.77
CA GLY A 165 -31.15 1.10 -22.35
C GLY A 165 -30.95 1.31 -20.86
N MSE A 166 -30.66 0.25 -20.12
CA MSE A 166 -30.56 0.38 -18.67
C MSE A 166 -29.13 0.72 -18.27
O MSE A 166 -28.18 0.13 -18.79
CB MSE A 166 -31.02 -0.89 -17.96
CG MSE A 166 -32.47 -1.23 -18.31
SE MSE A 166 -33.20 -2.63 -17.17
CE MSE A 166 -33.25 -1.62 -15.47
H MSE A 166 -30.51 -0.54 -20.42
HA MSE A 166 -31.14 1.11 -18.39
HB2 MSE A 166 -30.45 -1.62 -18.24
HB3 MSE A 166 -30.95 -0.75 -17.01
HG2 MSE A 166 -33.02 -0.44 -18.20
HG3 MSE A 166 -32.51 -1.54 -19.23
HE1 MSE A 166 -33.61 -2.20 -14.78
HE2 MSE A 166 -32.37 -1.35 -15.24
HE3 MSE A 166 -33.81 -0.85 -15.58
N LYS A 167 -29.01 1.65 -17.33
CA LYS A 167 -27.73 2.00 -16.75
C LYS A 167 -27.65 1.32 -15.40
N ILE A 168 -26.96 0.19 -15.35
CA ILE A 168 -26.78 -0.54 -14.12
C ILE A 168 -25.46 -0.14 -13.46
N ARG A 169 -25.53 0.34 -12.23
CA ARG A 169 -24.32 0.65 -11.49
C ARG A 169 -23.57 -0.66 -11.25
N VAL A 170 -22.26 -0.58 -11.42
CA VAL A 170 -21.34 -1.66 -11.00
C VAL A 170 -20.20 -1.00 -10.25
N PRO A 171 -19.43 -1.79 -9.49
CA PRO A 171 -18.23 -1.21 -8.91
C PRO A 171 -17.17 -0.92 -9.98
N ASN A 172 -16.09 -0.27 -9.58
CA ASN A 172 -15.00 0.06 -10.48
C ASN A 172 -14.12 -1.15 -10.64
N ASN A 173 -14.65 -2.13 -11.35
CA ASN A 173 -14.14 -3.50 -11.41
C ASN A 173 -14.26 -3.92 -12.88
N VAL A 174 -13.12 -4.15 -13.55
CA VAL A 174 -13.12 -4.35 -15.00
C VAL A 174 -13.98 -5.56 -15.41
N MSE A 175 -13.87 -6.67 -14.68
CA MSE A 175 -14.64 -7.87 -15.02
C MSE A 175 -16.16 -7.62 -14.95
O MSE A 175 -16.93 -8.09 -15.81
CB MSE A 175 -14.24 -9.03 -14.11
CG MSE A 175 -15.00 -10.28 -14.31
SE MSE A 175 -15.02 -10.96 -16.20
CE MSE A 175 -13.59 -12.34 -16.15
H MSE A 175 -13.35 -6.77 -14.00
HA MSE A 175 -14.42 -8.13 -15.94
HB2 MSE A 175 -13.31 -9.22 -14.26
HB3 MSE A 175 -14.37 -8.75 -13.19
HG2 MSE A 175 -14.61 -10.98 -13.75
HG3 MSE A 175 -15.92 -10.14 -14.04
HE1 MSE A 175 -13.51 -12.73 -17.03
HE2 MSE A 175 -12.76 -11.92 -15.91
HE3 MSE A 175 -13.83 -13.01 -15.51
N GLN A 176 -16.59 -6.90 -13.93
CA GLN A 176 -18.01 -6.61 -13.80
C GLN A 176 -18.48 -5.65 -14.90
N ILE A 177 -17.67 -4.66 -15.22
CA ILE A 177 -17.98 -3.75 -16.31
C ILE A 177 -18.17 -4.54 -17.61
N LYS A 178 -17.23 -5.42 -17.93
CA LYS A 178 -17.31 -6.18 -19.17
C LYS A 178 -18.47 -7.16 -19.15
N THR A 179 -18.78 -7.71 -17.99
CA THR A 179 -19.89 -8.64 -17.85
C THR A 179 -21.21 -7.94 -18.24
N PHE A 180 -21.46 -6.76 -17.68
CA PHE A 180 -22.71 -6.07 -17.93
C PHE A 180 -22.78 -5.55 -19.37
N GLU A 181 -21.62 -5.17 -19.92
N GLU A 181 -21.63 -5.17 -19.93
CA GLU A 181 -21.49 -4.78 -21.32
CA GLU A 181 -21.59 -4.77 -21.33
C GLU A 181 -21.90 -5.94 -22.24
C GLU A 181 -21.97 -5.97 -22.21
N ALA A 182 -21.40 -7.13 -21.93
CA ALA A 182 -21.68 -8.34 -22.72
C ALA A 182 -23.14 -8.77 -22.67
N MSE A 183 -23.81 -8.52 -21.55
CA MSE A 183 -25.22 -8.88 -21.44
C MSE A 183 -26.19 -7.83 -22.02
O MSE A 183 -27.38 -8.11 -22.15
CB MSE A 183 -25.59 -9.15 -19.98
CG MSE A 183 -24.90 -10.38 -19.41
SE MSE A 183 -25.54 -10.91 -17.63
CE MSE A 183 -25.06 -9.24 -16.70
H MSE A 183 -23.48 -8.15 -20.86
HA MSE A 183 -25.36 -9.72 -21.93
HB2 MSE A 183 -25.34 -8.40 -19.44
HB3 MSE A 183 -26.55 -9.30 -19.92
HG2 MSE A 183 -25.04 -11.13 -20.02
HG3 MSE A 183 -23.95 -10.20 -19.34
HE1 MSE A 183 -25.31 -9.32 -15.78
HE2 MSE A 183 -24.11 -9.10 -16.77
HE3 MSE A 183 -25.53 -8.50 -17.10
N GLY A 184 -25.69 -6.65 -22.36
CA GLY A 184 -26.50 -5.65 -23.05
C GLY A 184 -26.82 -4.39 -22.28
N ALA A 185 -26.43 -4.32 -21.01
CA ALA A 185 -26.63 -3.11 -20.21
C ALA A 185 -25.57 -2.06 -20.53
N THR A 186 -25.77 -0.87 -19.96
CA THR A 186 -24.75 0.16 -19.93
C THR A 186 -24.20 0.24 -18.52
N PRO A 187 -23.07 -0.44 -18.27
CA PRO A 187 -22.52 -0.39 -16.92
C PRO A 187 -22.11 1.02 -16.56
N THR A 188 -22.37 1.39 -15.33
CA THR A 188 -22.12 2.74 -14.85
C THR A 188 -21.31 2.60 -13.56
N PRO A 189 -19.98 2.58 -13.68
CA PRO A 189 -19.14 2.30 -12.49
C PRO A 189 -19.02 3.48 -11.54
N MSE A 190 -19.16 3.18 -10.25
CA MSE A 190 -18.97 4.17 -9.19
C MSE A 190 -18.87 3.41 -7.88
O MSE A 190 -19.36 2.30 -7.74
CB MSE A 190 -20.13 5.15 -9.08
CG MSE A 190 -21.42 4.48 -8.77
SE MSE A 190 -22.95 5.75 -8.87
CE MSE A 190 -23.07 5.89 -10.70
H MSE A 190 -19.37 2.40 -9.96
HA MSE A 190 -18.14 4.67 -9.35
HB2 MSE A 190 -19.95 5.79 -8.37
HB3 MSE A 190 -20.23 5.61 -9.93
HG2 MSE A 190 -21.56 3.76 -9.41
HG3 MSE A 190 -21.37 4.11 -7.87
HE1 MSE A 190 -23.78 6.49 -10.91
HE2 MSE A 190 -22.24 6.24 -11.04
HE3 MSE A 190 -23.25 5.02 -11.07
N PRO A 191 -18.24 4.04 -6.88
CA PRO A 191 -18.14 3.41 -5.56
C PRO A 191 -19.52 3.22 -4.93
N LEU A 192 -19.68 2.18 -4.12
CA LEU A 192 -20.99 1.87 -3.55
C LEU A 192 -21.56 3.06 -2.74
N GLY A 193 -20.67 3.80 -2.08
CA GLY A 193 -21.08 4.95 -1.28
C GLY A 193 -21.76 6.07 -2.05
N GLU A 194 -21.62 6.11 -3.37
CA GLU A 194 -22.25 7.12 -4.21
C GLU A 194 -23.52 6.61 -4.92
N THR A 195 -23.86 5.36 -4.70
CA THR A 195 -24.87 4.71 -5.53
C THR A 195 -26.30 5.15 -5.22
N PHE A 196 -26.63 5.31 -3.95
CA PHE A 196 -28.02 5.62 -3.59
C PHE A 196 -28.54 6.89 -4.26
N PRO A 197 -27.82 8.03 -4.15
CA PRO A 197 -28.34 9.24 -4.82
C PRO A 197 -28.37 9.13 -6.33
N ALA A 198 -27.48 8.36 -6.94
CA ALA A 198 -27.56 8.17 -8.38
C ALA A 198 -28.84 7.44 -8.75
N LEU A 199 -29.24 6.49 -7.91
CA LEU A 199 -30.45 5.71 -8.16
C LEU A 199 -31.70 6.58 -7.90
N ALA A 200 -31.69 7.34 -6.81
CA ALA A 200 -32.81 8.24 -6.49
C ALA A 200 -33.03 9.30 -7.57
N GLN A 201 -31.95 9.75 -8.18
CA GLN A 201 -32.00 10.78 -9.23
C GLN A 201 -32.29 10.21 -10.63
N GLY A 202 -32.20 8.89 -10.77
CA GLY A 202 -32.38 8.26 -12.07
C GLY A 202 -31.19 8.38 -13.00
N VAL A 203 -30.02 8.73 -12.45
CA VAL A 203 -28.77 8.66 -13.21
C VAL A 203 -28.53 7.20 -13.59
N ILE A 204 -28.90 6.29 -12.70
CA ILE A 204 -28.85 4.84 -12.96
C ILE A 204 -30.24 4.29 -12.65
N ASP A 205 -30.56 3.12 -13.18
CA ASP A 205 -31.86 2.52 -12.88
C ASP A 205 -31.77 1.11 -12.33
N GLY A 206 -30.56 0.68 -11.98
CA GLY A 206 -30.39 -0.56 -11.25
C GLY A 206 -29.03 -0.64 -10.57
N VAL A 207 -28.96 -1.60 -9.64
CA VAL A 207 -27.78 -1.92 -8.86
C VAL A 207 -27.73 -3.44 -8.72
N GLU A 208 -26.51 -3.97 -8.62
CA GLU A 208 -26.33 -5.42 -8.55
C GLU A 208 -25.42 -5.75 -7.35
N ASN A 209 -25.78 -6.80 -6.61
CA ASN A 209 -25.14 -7.14 -5.33
C ASN A 209 -25.93 -8.28 -4.70
N PRO A 210 -25.36 -8.95 -3.69
CA PRO A 210 -26.16 -9.90 -2.93
C PRO A 210 -27.36 -9.22 -2.29
N ILE A 211 -28.43 -9.99 -2.06
CA ILE A 211 -29.67 -9.38 -1.56
C ILE A 211 -29.47 -8.70 -0.20
N SER A 212 -28.64 -9.26 0.68
CA SER A 212 -28.43 -8.62 1.97
C SER A 212 -27.81 -7.21 1.81
N VAL A 213 -26.91 -7.05 0.85
CA VAL A 213 -26.25 -5.78 0.61
C VAL A 213 -27.19 -4.79 -0.03
N LEU A 214 -27.96 -5.26 -1.00
CA LEU A 214 -28.99 -4.42 -1.60
C LEU A 214 -29.95 -3.86 -0.54
N TYR A 215 -30.41 -4.73 0.35
CA TYR A 215 -31.32 -4.32 1.40
C TYR A 215 -30.69 -3.35 2.40
N GLY A 216 -29.48 -3.70 2.85
CA GLY A 216 -28.73 -2.88 3.80
C GLY A 216 -28.38 -1.48 3.28
N GLN A 217 -28.24 -1.35 1.97
CA GLN A 217 -27.98 -0.08 1.31
C GLN A 217 -29.26 0.69 0.97
N LYS A 218 -30.43 0.08 1.24
CA LYS A 218 -31.76 0.71 1.12
C LYS A 218 -32.19 0.99 -0.33
N PHE A 219 -31.67 0.24 -1.29
CA PHE A 219 -31.97 0.51 -2.68
C PHE A 219 -33.45 0.20 -2.98
N GLN A 220 -34.08 -0.62 -2.15
CA GLN A 220 -35.52 -0.89 -2.26
C GLN A 220 -36.40 0.34 -2.10
N GLU A 221 -35.87 1.43 -1.51
CA GLU A 221 -36.60 2.69 -1.48
C GLU A 221 -36.78 3.30 -2.87
N GLU A 222 -35.94 2.91 -3.82
CA GLU A 222 -35.86 3.55 -5.13
C GLU A 222 -36.11 2.63 -6.33
N ALA A 223 -36.25 1.33 -6.07
CA ALA A 223 -36.30 0.33 -7.13
C ALA A 223 -37.10 -0.83 -6.56
N LYS A 224 -38.09 -1.33 -7.32
CA LYS A 224 -39.06 -2.27 -6.74
C LYS A 224 -39.13 -3.62 -7.46
N TYR A 225 -38.11 -3.91 -8.28
CA TYR A 225 -38.04 -5.20 -8.98
C TYR A 225 -36.68 -5.82 -8.72
N LEU A 226 -36.65 -7.06 -8.25
CA LEU A 226 -35.41 -7.77 -7.98
C LEU A 226 -35.36 -9.02 -8.81
N SER A 227 -34.44 -9.08 -9.77
CA SER A 227 -34.34 -10.24 -10.65
C SER A 227 -33.24 -11.16 -10.23
N LYS A 228 -33.58 -12.43 -10.08
CA LYS A 228 -32.62 -13.40 -9.59
C LYS A 228 -31.76 -13.95 -10.72
N VAL A 229 -31.01 -13.07 -11.37
N VAL A 229 -30.98 -13.07 -11.34
CA VAL A 229 -30.10 -13.53 -12.43
CA VAL A 229 -30.08 -13.47 -12.43
C VAL A 229 -29.00 -14.44 -11.88
C VAL A 229 -28.93 -14.35 -11.93
N GLY A 230 -28.55 -14.17 -10.66
CA GLY A 230 -27.54 -15.02 -10.03
C GLY A 230 -26.24 -15.10 -10.82
N TYR A 231 -25.75 -13.96 -11.29
CA TYR A 231 -24.72 -13.99 -12.30
C TYR A 231 -23.34 -14.19 -11.71
N LEU A 232 -23.22 -14.04 -10.39
CA LEU A 232 -21.92 -14.16 -9.74
C LEU A 232 -22.08 -14.71 -8.34
N THR A 233 -21.58 -15.92 -8.15
CA THR A 233 -21.48 -16.50 -6.83
C THR A 233 -20.18 -15.94 -6.26
N ASN A 234 -20.33 -15.07 -5.27
CA ASN A 234 -19.36 -14.04 -4.90
C ASN A 234 -18.51 -14.40 -3.67
N VAL A 235 -17.21 -14.59 -3.87
CA VAL A 235 -16.28 -14.65 -2.75
C VAL A 235 -15.62 -13.27 -2.54
N ALA A 236 -15.44 -12.87 -1.28
CA ALA A 236 -14.77 -11.62 -0.97
C ALA A 236 -13.52 -11.90 -0.16
N LEU A 237 -12.61 -10.93 -0.20
CA LEU A 237 -11.32 -11.01 0.47
C LEU A 237 -11.21 -9.80 1.41
N ILE A 238 -10.48 -9.95 2.51
CA ILE A 238 -9.99 -8.79 3.25
C ILE A 238 -8.51 -8.65 2.89
N VAL A 239 -8.12 -7.46 2.46
CA VAL A 239 -6.76 -7.20 2.03
C VAL A 239 -6.18 -5.95 2.68
N GLY A 240 -4.89 -6.01 2.93
CA GLY A 240 -4.11 -4.88 3.39
C GLY A 240 -2.76 -4.81 2.70
N GLY A 241 -1.84 -4.07 3.31
CA GLY A 241 -0.54 -3.80 2.73
C GLY A 241 0.56 -4.63 3.36
N GLU A 242 1.35 -5.24 2.51
CA GLU A 242 2.47 -6.05 2.96
C GLU A 242 3.42 -5.21 3.81
N ALA A 243 3.57 -3.93 3.45
CA ALA A 243 4.51 -3.03 4.17
C ALA A 243 4.10 -2.91 5.62
N PHE A 244 2.79 -2.99 5.88
CA PHE A 244 2.30 -3.02 7.25
C PHE A 244 2.40 -4.42 7.90
N PHE A 245 1.84 -5.43 7.26
CA PHE A 245 1.75 -6.73 7.90
C PHE A 245 3.09 -7.38 8.16
N SER A 246 4.07 -7.08 7.33
CA SER A 246 5.39 -7.69 7.50
C SER A 246 6.12 -7.15 8.73
N THR A 247 5.64 -6.03 9.32
CA THR A 247 6.23 -5.47 10.54
C THR A 247 5.80 -6.19 11.82
N LEU A 248 4.78 -7.04 11.70
CA LEU A 248 4.18 -7.66 12.86
C LEU A 248 4.89 -8.95 13.18
N PRO A 249 5.00 -9.25 14.48
CA PRO A 249 5.62 -10.50 14.89
C PRO A 249 4.79 -11.72 14.47
N GLU A 250 5.47 -12.84 14.28
CA GLU A 250 4.84 -14.04 13.78
C GLU A 250 3.62 -14.46 14.62
N ASP A 251 3.73 -14.38 15.95
CA ASP A 251 2.64 -14.84 16.81
C ASP A 251 1.38 -14.00 16.58
N GLN A 252 1.57 -12.71 16.36
CA GLN A 252 0.42 -11.85 16.09
C GLN A 252 -0.18 -12.09 14.71
N LEU A 253 0.68 -12.28 13.71
CA LEU A 253 0.20 -12.59 12.36
C LEU A 253 -0.61 -13.84 12.37
N LYS A 254 -0.19 -14.83 13.16
CA LYS A 254 -0.94 -16.07 13.22
C LYS A 254 -2.33 -15.86 13.81
N MSE A 255 -2.42 -15.08 14.88
CA MSE A 255 -3.74 -14.80 15.48
C MSE A 255 -4.66 -14.05 14.51
O MSE A 255 -5.87 -14.32 14.46
CB MSE A 255 -3.55 -14.00 16.76
CG MSE A 255 -2.97 -14.79 17.91
SE MSE A 255 -2.79 -13.60 19.43
CE MSE A 255 -1.61 -12.38 18.69
H MSE A 255 -1.76 -14.71 15.28
HA MSE A 255 -4.15 -15.66 15.72
HB2 MSE A 255 -2.96 -13.26 16.58
HB3 MSE A 255 -4.42 -13.67 17.03
HG2 MSE A 255 -3.58 -15.51 18.16
HG3 MSE A 255 -2.10 -15.14 17.68
HE1 MSE A 255 -1.41 -11.70 19.34
HE2 MSE A 255 -0.80 -12.83 18.44
HE3 MSE A 255 -2.01 -11.98 17.92
N ILE A 256 -4.09 -13.10 13.77
CA ILE A 256 -4.85 -12.33 12.80
C ILE A 256 -5.37 -13.23 11.66
N HIS A 257 -4.49 -14.07 11.13
CA HIS A 257 -4.89 -14.96 10.05
C HIS A 257 -5.89 -16.02 10.47
N GLU A 258 -5.68 -16.61 11.63
CA GLU A 258 -6.57 -17.64 12.14
C GLU A 258 -7.96 -17.10 12.45
N SER A 259 -8.00 -15.97 13.15
CA SER A 259 -9.27 -15.34 13.48
C SER A 259 -9.99 -14.90 12.20
N ALA A 260 -9.23 -14.41 11.23
CA ALA A 260 -9.82 -14.01 9.95
C ALA A 260 -10.43 -15.24 9.25
N TYR A 261 -9.70 -16.36 9.24
CA TYR A 261 -10.23 -17.56 8.61
C TYR A 261 -11.50 -18.06 9.33
N ASP A 262 -11.51 -18.00 10.67
CA ASP A 262 -12.72 -18.32 11.45
C ASP A 262 -13.93 -17.49 10.95
N ALA A 263 -13.69 -16.20 10.74
CA ALA A 263 -14.74 -15.27 10.37
C ALA A 263 -15.28 -15.60 8.98
N GLY A 264 -14.37 -15.98 8.09
CA GLY A 264 -14.77 -16.41 6.76
C GLY A 264 -15.64 -17.62 6.85
N LEU A 265 -15.28 -18.56 7.72
CA LEU A 265 -16.09 -19.77 7.91
C LEU A 265 -17.47 -19.43 8.48
N TYR A 266 -17.54 -18.49 9.42
CA TYR A 266 -18.81 -18.00 9.91
C TYR A 266 -19.67 -17.40 8.77
N SER A 267 -19.06 -16.62 7.87
CA SER A 267 -19.78 -16.01 6.74
C SER A 267 -20.39 -17.05 5.82
N GLN A 268 -19.74 -18.20 5.72
CA GLN A 268 -20.21 -19.28 4.86
C GLN A 268 -21.49 -19.91 5.42
N LYS A 269 -21.76 -19.69 6.69
CA LYS A 269 -23.07 -20.06 7.26
C LYS A 269 -24.08 -18.89 7.26
N LEU A 270 -23.63 -17.75 7.76
CA LEU A 270 -24.51 -16.60 7.97
C LEU A 270 -25.10 -16.07 6.67
N THR A 271 -24.28 -15.93 5.64
CA THR A 271 -24.75 -15.34 4.40
C THR A 271 -25.93 -16.12 3.84
N ILE A 272 -25.80 -17.45 3.86
CA ILE A 272 -26.88 -18.34 3.42
C ILE A 272 -28.09 -18.30 4.36
N GLU A 273 -27.83 -18.38 5.66
CA GLU A 273 -28.88 -18.36 6.67
C GLU A 273 -29.76 -17.14 6.55
N LYS A 274 -29.16 -16.00 6.18
CA LYS A 274 -29.90 -14.75 6.05
C LYS A 274 -30.86 -14.70 4.85
N ASP A 275 -30.81 -15.67 3.93
CA ASP A 275 -31.58 -15.58 2.66
C ASP A 275 -33.09 -15.39 2.85
N ASN A 276 -33.72 -16.27 3.60
CA ASN A 276 -35.18 -16.20 3.74
C ASN A 276 -35.61 -14.90 4.37
N GLU A 277 -34.83 -14.48 5.35
CA GLU A 277 -35.13 -13.24 6.03
C GLU A 277 -35.05 -12.08 5.05
N MSE A 278 -34.04 -12.07 4.18
CA MSE A 278 -33.84 -10.92 3.31
C MSE A 278 -34.91 -10.91 2.22
O MSE A 278 -35.40 -9.84 1.86
CB MSE A 278 -32.44 -10.90 2.68
CG MSE A 278 -31.31 -10.80 3.67
SE MSE A 278 -31.34 -9.06 4.56
CE MSE A 278 -32.25 -9.54 6.23
H MSE A 278 -33.47 -12.70 4.09
HA MSE A 278 -33.93 -10.10 3.84
HB2 MSE A 278 -32.32 -11.72 2.17
HB3 MSE A 278 -32.38 -10.14 2.08
HG2 MSE A 278 -31.40 -11.49 4.34
HG3 MSE A 278 -30.47 -10.88 3.21
HE1 MSE A 278 -32.34 -8.76 6.78
HE2 MSE A 278 -33.12 -9.89 6.02
HE3 MSE A 278 -31.74 -10.22 6.68
N ILE A 279 -35.28 -12.07 1.71
CA ILE A 279 -36.34 -12.16 0.71
C ILE A 279 -37.64 -11.55 1.23
N GLU A 280 -37.99 -11.91 2.46
CA GLU A 280 -39.22 -11.42 3.06
C GLU A 280 -39.16 -9.92 3.36
N LYS A 281 -38.01 -9.43 3.82
CA LYS A 281 -37.89 -7.99 4.06
C LYS A 281 -38.06 -7.20 2.76
N MSE A 282 -37.53 -7.74 1.67
CA MSE A 282 -37.65 -7.10 0.36
C MSE A 282 -39.12 -7.06 -0.03
O MSE A 282 -39.63 -6.00 -0.45
CB MSE A 282 -36.85 -7.85 -0.69
CG MSE A 282 -35.36 -7.56 -0.68
SE MSE A 282 -34.99 -5.64 -1.00
CE MSE A 282 -33.07 -5.68 -1.45
H MSE A 282 -37.08 -8.47 1.65
HA MSE A 282 -37.30 -6.18 0.41
HB2 MSE A 282 -36.96 -8.80 -0.54
HB3 MSE A 282 -37.18 -7.61 -1.57
HG2 MSE A 282 -35.00 -7.80 0.19
HG3 MSE A 282 -34.93 -8.06 -1.38
HE1 MSE A 282 -32.78 -4.78 -1.63
HE2 MSE A 282 -32.58 -6.04 -0.71
HE3 MSE A 282 -32.94 -6.22 -2.23
N LYS A 283 -39.82 -8.19 0.11
CA LYS A 283 -41.25 -8.23 -0.19
C LYS A 283 -42.06 -7.23 0.62
N GLU A 284 -41.76 -7.13 1.92
CA GLU A 284 -42.42 -6.17 2.80
C GLU A 284 -42.16 -4.74 2.44
N ALA A 285 -41.07 -4.49 1.72
CA ALA A 285 -40.75 -3.14 1.25
C ALA A 285 -41.38 -2.85 -0.11
N GLY A 286 -42.19 -3.78 -0.62
CA GLY A 286 -42.86 -3.62 -1.89
C GLY A 286 -42.09 -4.04 -3.12
N VAL A 287 -41.05 -4.85 -2.92
CA VAL A 287 -40.22 -5.30 -4.02
C VAL A 287 -40.75 -6.65 -4.55
N GLU A 288 -40.89 -6.77 -5.86
CA GLU A 288 -41.27 -8.03 -6.49
C GLU A 288 -39.99 -8.85 -6.73
N ILE A 289 -40.00 -10.10 -6.26
CA ILE A 289 -38.90 -11.02 -6.46
C ILE A 289 -39.18 -11.82 -7.71
N ILE A 290 -38.29 -11.72 -8.68
CA ILE A 290 -38.50 -12.34 -9.98
C ILE A 290 -37.53 -13.51 -10.23
N ASP A 291 -38.10 -14.69 -10.40
CA ASP A 291 -37.34 -15.82 -10.93
C ASP A 291 -37.22 -15.68 -12.44
N VAL A 292 -36.01 -15.82 -12.97
CA VAL A 292 -35.82 -15.69 -14.40
C VAL A 292 -35.16 -16.92 -15.01
N ASP A 293 -35.32 -17.04 -16.32
CA ASP A 293 -34.58 -18.00 -17.10
C ASP A 293 -33.14 -17.46 -17.23
N ARG A 294 -32.20 -18.09 -16.53
CA ARG A 294 -30.82 -17.57 -16.44
C ARG A 294 -29.99 -17.84 -17.70
N ALA A 295 -30.38 -18.86 -18.47
CA ALA A 295 -29.55 -19.37 -19.54
C ALA A 295 -29.19 -18.33 -20.61
N PRO A 296 -30.17 -17.51 -21.04
CA PRO A 296 -29.82 -16.51 -22.05
C PRO A 296 -28.84 -15.45 -21.52
N PHE A 297 -28.93 -15.11 -20.24
CA PHE A 297 -27.98 -14.16 -19.64
C PHE A 297 -26.58 -14.76 -19.63
N LYS A 298 -26.49 -16.01 -19.24
CA LYS A 298 -25.22 -16.74 -19.18
C LYS A 298 -24.59 -16.84 -20.56
N ALA A 299 -25.39 -17.13 -21.59
CA ALA A 299 -24.85 -17.26 -22.93
C ALA A 299 -24.18 -15.98 -23.42
N LEU A 300 -24.74 -14.83 -23.10
CA LEU A 300 -24.15 -13.55 -23.46
C LEU A 300 -22.93 -13.22 -22.58
N ALA A 301 -23.05 -13.48 -21.30
CA ALA A 301 -22.01 -13.12 -20.34
C ALA A 301 -20.74 -13.91 -20.60
N GLU A 302 -20.89 -15.14 -21.06
CA GLU A 302 -19.74 -16.04 -21.24
C GLU A 302 -18.74 -15.51 -22.25
N LYS A 303 -19.17 -14.60 -23.13
CA LYS A 303 -18.24 -14.05 -24.12
C LYS A 303 -17.08 -13.25 -23.47
N VAL A 304 -17.24 -12.81 -22.23
CA VAL A 304 -16.17 -12.04 -21.59
C VAL A 304 -14.89 -12.88 -21.43
N TYR A 305 -15.02 -14.18 -21.37
CA TYR A 305 -13.83 -15.01 -21.14
C TYR A 305 -12.83 -15.03 -22.29
N THR A 306 -13.22 -14.45 -23.43
CA THR A 306 -12.29 -14.33 -24.55
C THR A 306 -11.95 -12.87 -24.81
N GLN A 307 -12.23 -12.02 -23.83
CA GLN A 307 -11.99 -10.60 -23.99
C GLN A 307 -10.83 -10.07 -23.13
N PHE A 308 -9.98 -10.97 -22.65
CA PHE A 308 -8.82 -10.57 -21.85
C PHE A 308 -7.51 -11.09 -22.44
N PRO A 309 -6.98 -10.36 -23.44
CA PRO A 309 -5.78 -10.81 -24.16
C PRO A 309 -4.53 -10.84 -23.28
N GLU A 310 -4.56 -10.16 -22.15
CA GLU A 310 -3.40 -10.13 -21.27
C GLU A 310 -3.32 -11.37 -20.38
N TRP A 311 -4.37 -12.19 -20.34
CA TRP A 311 -4.29 -13.43 -19.57
C TRP A 311 -3.25 -14.37 -20.15
N SER A 312 -2.64 -15.16 -19.28
N SER A 312 -2.64 -15.15 -19.26
CA SER A 312 -1.70 -16.18 -19.73
CA SER A 312 -1.76 -16.25 -19.66
C SER A 312 -2.48 -17.24 -20.52
C SER A 312 -2.53 -17.18 -20.59
N PRO A 313 -1.82 -17.88 -21.49
CA PRO A 313 -2.46 -18.88 -22.35
C PRO A 313 -3.07 -20.06 -21.54
N GLY A 314 -4.29 -20.46 -21.89
CA GLY A 314 -4.96 -21.58 -21.24
C GLY A 314 -5.52 -21.33 -19.85
N LEU A 315 -5.53 -20.08 -19.40
CA LEU A 315 -5.96 -19.78 -18.02
C LEU A 315 -7.38 -20.30 -17.69
N TYR A 316 -8.36 -19.96 -18.52
CA TYR A 316 -9.76 -20.35 -18.28
C TYR A 316 -9.88 -21.87 -18.20
N ASP A 317 -9.24 -22.56 -19.14
CA ASP A 317 -9.25 -24.02 -19.09
C ASP A 317 -8.67 -24.53 -17.77
N LYS A 318 -7.54 -23.97 -17.35
CA LYS A 318 -6.95 -24.40 -16.10
C LYS A 318 -7.92 -24.19 -14.94
N ILE A 319 -8.61 -23.04 -14.92
CA ILE A 319 -9.58 -22.76 -13.86
C ILE A 319 -10.74 -23.76 -13.86
N LYS A 320 -11.33 -23.99 -15.03
CA LYS A 320 -12.43 -24.96 -15.13
C LYS A 320 -11.98 -26.37 -14.69
N ALA A 321 -10.76 -26.74 -15.06
CA ALA A 321 -10.21 -28.03 -14.63
C ALA A 321 -10.11 -28.12 -13.11
N GLU A 322 -9.80 -27.00 -12.44
CA GLU A 322 -9.68 -27.05 -10.99
C GLU A 322 -11.04 -27.01 -10.27
N LEU A 323 -12.01 -26.34 -10.85
CA LEU A 323 -13.38 -26.31 -10.31
C LEU A 323 -14.05 -27.66 -10.39
N ASN A 324 -13.83 -28.33 -11.53
CA ASN A 324 -14.53 -29.56 -11.95
C ASN A 324 -15.85 -29.28 -12.68
N ALA B 24 40.67 -0.08 23.99
CA ALA B 24 40.85 1.37 24.02
C ALA B 24 39.54 2.09 23.72
N ASN B 25 39.38 3.28 24.29
CA ASN B 25 38.15 4.06 24.14
C ASN B 25 38.05 4.67 22.75
N VAL B 26 36.84 4.68 22.20
CA VAL B 26 36.60 5.17 20.86
C VAL B 26 35.37 6.07 20.89
N SER B 27 35.49 7.26 20.34
CA SER B 27 34.34 8.15 20.13
C SER B 27 34.04 8.33 18.65
N ILE B 28 32.77 8.25 18.29
CA ILE B 28 32.32 8.49 16.92
C ILE B 28 31.20 9.52 16.95
N LYS B 29 31.38 10.62 16.22
CA LYS B 29 30.32 11.61 16.06
C LYS B 29 29.31 11.12 14.98
N VAL B 30 28.03 11.24 15.28
CA VAL B 30 26.97 10.78 14.39
C VAL B 30 26.12 11.99 13.99
N ALA B 31 26.26 12.42 12.75
CA ALA B 31 25.59 13.60 12.22
C ALA B 31 24.31 13.21 11.50
N TYR B 32 23.26 13.99 11.76
CA TYR B 32 22.04 13.83 11.01
C TYR B 32 21.21 15.11 11.09
N GLU B 33 20.33 15.26 10.11
CA GLU B 33 19.52 16.46 9.94
C GLU B 33 18.28 16.41 10.81
N ASN B 34 17.87 15.20 11.20
CA ASN B 34 16.64 15.02 11.97
C ASN B 34 16.74 15.67 13.34
N ASN B 35 15.62 16.19 13.81
CA ASN B 35 15.54 16.87 15.10
C ASN B 35 15.35 15.90 16.27
N PRO B 36 15.76 16.33 17.46
CA PRO B 36 15.51 15.50 18.64
C PRO B 36 14.03 15.11 18.74
N GLY B 37 13.78 13.85 19.06
CA GLY B 37 12.42 13.35 19.22
C GLY B 37 11.83 12.71 17.97
N GLU B 38 12.41 12.96 16.81
CA GLU B 38 12.00 12.25 15.61
C GLU B 38 12.31 10.77 15.81
N PRO B 39 11.57 9.89 15.11
CA PRO B 39 11.91 8.47 15.15
C PRO B 39 13.39 8.20 14.82
N PHE B 40 13.96 8.93 13.85
CA PHE B 40 15.35 8.65 13.51
C PHE B 40 16.28 8.89 14.71
N ASP B 41 16.02 9.98 15.41
CA ASP B 41 16.74 10.33 16.62
C ASP B 41 16.55 9.27 17.70
N GLU B 42 15.32 8.76 17.85
CA GLU B 42 15.07 7.68 18.81
C GLU B 42 15.90 6.45 18.49
N VAL B 43 16.02 6.10 17.21
CA VAL B 43 16.79 4.92 16.84
C VAL B 43 18.30 5.18 17.02
N MSE B 44 18.75 6.42 16.87
CA MSE B 44 20.16 6.74 17.12
C MSE B 44 20.48 6.56 18.62
O MSE B 44 21.56 6.11 18.98
CB MSE B 44 20.52 8.14 16.64
CG MSE B 44 20.48 8.34 15.13
SE MSE B 44 21.69 7.14 14.11
CE MSE B 44 20.39 5.73 13.62
H MSE B 44 18.27 7.09 16.63
HA MSE B 44 20.71 6.10 16.61
HB2 MSE B 44 19.89 8.77 17.05
HB3 MSE B 44 21.41 8.35 16.94
HG2 MSE B 44 19.57 8.18 14.82
HG3 MSE B 44 20.73 9.25 14.93
HE1 MSE B 44 20.84 5.06 13.10
HE2 MSE B 44 20.03 5.34 14.41
HE3 MSE B 44 19.69 6.12 13.09
N HIS B 45 19.54 6.90 19.48
CA HIS B 45 19.73 6.68 20.92
C HIS B 45 19.72 5.18 21.22
N TYR B 46 18.85 4.45 20.53
CA TYR B 46 18.81 2.98 20.64
C TYR B 46 20.18 2.36 20.30
N TRP B 47 20.72 2.77 19.16
CA TRP B 47 22.03 2.29 18.71
C TRP B 47 23.15 2.68 19.68
N LYS B 48 23.17 3.96 20.05
CA LYS B 48 24.13 4.47 21.03
C LYS B 48 24.15 3.63 22.31
N ASP B 49 22.98 3.35 22.87
CA ASP B 49 22.89 2.66 24.15
C ASP B 49 23.29 1.18 24.01
N ASP B 50 22.89 0.57 22.90
CA ASP B 50 23.20 -0.81 22.60
C ASP B 50 24.73 -0.97 22.48
N LEU B 51 25.35 -0.12 21.66
CA LEU B 51 26.80 -0.16 21.44
C LEU B 51 27.56 0.12 22.75
N ALA B 52 27.01 1.00 23.60
CA ALA B 52 27.62 1.29 24.90
C ALA B 52 27.63 0.06 25.77
N LYS B 53 26.51 -0.66 25.76
CA LYS B 53 26.36 -1.87 26.56
C LYS B 53 27.28 -2.98 26.08
N ARG B 54 27.30 -3.22 24.78
CA ARG B 54 28.14 -4.26 24.23
C ARG B 54 29.60 -4.03 24.57
N SER B 55 30.02 -2.77 24.57
CA SER B 55 31.42 -2.42 24.68
C SER B 55 31.82 -1.97 26.10
N ASN B 56 30.88 -2.10 27.05
CA ASN B 56 31.11 -1.67 28.44
C ASN B 56 31.57 -0.20 28.57
N GLY B 57 31.00 0.66 27.74
CA GLY B 57 31.26 2.08 27.81
C GLY B 57 32.40 2.54 26.93
N GLU B 58 33.08 1.58 26.30
CA GLU B 58 34.30 1.88 25.56
C GLU B 58 34.07 2.51 24.19
N ILE B 59 32.96 2.19 23.54
CA ILE B 59 32.68 2.80 22.25
C ILE B 59 31.48 3.71 22.43
N THR B 60 31.70 5.01 22.26
CA THR B 60 30.70 6.02 22.55
C THR B 60 30.29 6.77 21.29
N LEU B 61 29.00 6.69 20.95
CA LEU B 61 28.45 7.50 19.88
C LEU B 61 28.06 8.87 20.45
N GLU B 62 28.54 9.93 19.82
CA GLU B 62 28.16 11.29 20.21
C GLU B 62 27.17 11.80 19.15
N LEU B 63 25.92 12.00 19.55
CA LEU B 63 24.85 12.35 18.62
C LEU B 63 24.75 13.85 18.32
N TYR B 64 24.70 14.19 17.04
CA TYR B 64 24.57 15.58 16.59
C TYR B 64 23.37 15.72 15.65
N PRO B 65 22.17 15.85 16.23
CA PRO B 65 20.96 16.08 15.43
C PRO B 65 20.93 17.49 14.83
N SER B 66 19.89 17.72 14.03
CA SER B 66 19.57 19.06 13.53
C SER B 66 20.68 19.72 12.67
N SER B 67 21.46 18.91 11.98
CA SER B 67 22.54 19.37 11.09
C SER B 67 23.62 20.19 11.79
N GLN B 68 23.80 19.98 13.09
CA GLN B 68 24.79 20.74 13.84
C GLN B 68 26.19 20.69 13.21
N LEU B 69 26.59 19.54 12.70
CA LEU B 69 27.93 19.41 12.15
C LEU B 69 28.05 19.89 10.70
N GLY B 70 26.92 20.21 10.07
CA GLY B 70 26.95 20.71 8.71
C GLY B 70 26.02 19.96 7.77
N SER B 71 26.13 20.27 6.48
CA SER B 71 25.34 19.60 5.46
C SER B 71 25.82 18.18 5.23
N LYS B 72 24.94 17.35 4.70
CA LYS B 72 25.28 15.95 4.42
C LYS B 72 26.56 15.80 3.59
N LYS B 73 26.66 16.51 2.48
CA LYS B 73 27.83 16.37 1.64
C LYS B 73 29.09 16.89 2.33
N ASP B 74 28.99 17.95 3.12
CA ASP B 74 30.17 18.44 3.84
C ASP B 74 30.64 17.46 4.90
N VAL B 75 29.71 16.88 5.66
CA VAL B 75 30.08 15.92 6.68
C VAL B 75 30.64 14.64 6.04
N THR B 76 30.08 14.22 4.90
CA THR B 76 30.57 13.04 4.20
C THR B 76 32.03 13.22 3.78
N GLU B 77 32.38 14.40 3.30
CA GLU B 77 33.74 14.69 2.89
C GLU B 77 34.69 14.72 4.09
N GLN B 78 34.25 15.28 5.21
CA GLN B 78 35.02 15.23 6.45
C GLN B 78 35.33 13.77 6.82
N ALA B 79 34.32 12.93 6.72
CA ALA B 79 34.48 11.50 7.03
C ALA B 79 35.51 10.88 6.11
N MSE B 80 35.41 11.19 4.83
CA MSE B 80 36.30 10.59 3.85
C MSE B 80 37.76 11.02 4.10
O MSE B 80 38.69 10.28 3.81
CB MSE B 80 35.83 10.94 2.44
CG MSE B 80 34.54 10.24 2.05
SE MSE B 80 33.81 10.94 0.38
CE MSE B 80 35.24 10.40 -0.82
H MSE B 80 34.84 11.74 4.50
HA MSE B 80 36.25 9.62 3.94
HB2 MSE B 80 35.69 11.90 2.38
HB3 MSE B 80 36.52 10.67 1.81
HG2 MSE B 80 34.72 9.29 1.94
HG3 MSE B 80 33.89 10.38 2.76
HE1 MSE B 80 35.03 10.68 -1.71
HE2 MSE B 80 36.06 10.81 -0.54
HE3 MSE B 80 35.34 9.45 -0.79
N MSE B 81 37.93 12.21 4.66
N MSE B 81 37.93 12.22 4.66
CA MSE B 81 39.25 12.76 4.96
CA MSE B 81 39.26 12.75 4.95
C MSE B 81 39.80 12.29 6.31
C MSE B 81 39.87 12.14 6.21
O MSE B 81 40.84 12.76 6.75
O MSE B 81 41.05 12.36 6.51
CB MSE B 81 39.18 14.29 4.91
CB MSE B 81 39.20 14.27 5.09
CG MSE B 81 38.91 14.86 3.52
CG MSE B 81 39.24 15.02 3.76
SE MSE B 81 40.34 14.48 2.23
SE MSE B 81 38.91 16.94 3.88
CE MSE B 81 39.52 12.99 1.29
CE MSE B 81 40.59 17.56 4.66
H MSE B 81 37.27 12.73 4.90
H MSE B 81 37.28 12.75 4.87
HA MSE B 81 39.86 12.47 4.25
HA MSE B 81 39.84 12.55 4.19
HB2 MSE B 81 38.46 14.58 5.50
HB2 MSE B 81 38.37 14.51 5.54
HB3 MSE B 81 40.03 14.65 5.22
HB3 MSE B 81 39.95 14.57 5.62
HG2 MSE B 81 38.09 14.48 3.17
HG2 MSE B 81 40.11 14.90 3.36
HG3 MSE B 81 38.82 15.83 3.59
HG3 MSE B 81 38.56 14.65 3.17
HE1 MSE B 81 40.12 12.69 0.61
HE1 MSE B 81 40.55 18.51 4.77
HE2 MSE B 81 39.35 12.29 1.92
HE2 MSE B 81 40.71 17.13 5.51
HE3 MSE B 81 38.70 13.29 0.89
HE3 MSE B 81 41.32 17.33 4.07
N GLY B 82 39.08 11.38 6.96
CA GLY B 82 39.57 10.71 8.15
C GLY B 82 39.03 11.13 9.50
N LEU B 83 38.12 12.09 9.55
CA LEU B 83 37.53 12.46 10.82
C LEU B 83 36.62 11.32 11.36
N ASN B 84 36.56 11.24 12.69
CA ASN B 84 35.74 10.28 13.41
C ASN B 84 34.25 10.64 13.42
N VAL B 85 33.68 10.78 12.23
CA VAL B 85 32.29 11.19 12.07
C VAL B 85 31.62 10.31 11.04
N VAL B 86 30.34 10.02 11.29
CA VAL B 86 29.50 9.33 10.31
C VAL B 86 28.25 10.15 10.06
N THR B 87 27.54 9.89 8.97
CA THR B 87 26.32 10.67 8.69
C THR B 87 25.27 9.74 8.12
N ILE B 88 24.01 10.09 8.35
CA ILE B 88 22.92 9.45 7.64
C ILE B 88 23.06 9.84 6.17
N SER B 89 22.83 8.88 5.28
CA SER B 89 22.89 9.11 3.85
C SER B 89 22.01 8.07 3.15
N ASP B 90 22.14 7.99 1.83
CA ASP B 90 21.37 7.04 1.03
C ASP B 90 22.13 6.77 -0.28
N VAL B 91 21.68 5.75 -1.02
CA VAL B 91 22.37 5.32 -2.23
C VAL B 91 22.29 6.35 -3.37
N GLY B 92 21.29 7.22 -3.34
CA GLY B 92 21.23 8.33 -4.27
C GLY B 92 22.37 9.32 -4.11
N PHE B 93 22.78 9.59 -2.88
CA PHE B 93 23.98 10.43 -2.65
C PHE B 93 25.25 9.63 -3.02
N LEU B 94 25.26 8.35 -2.67
CA LEU B 94 26.47 7.53 -2.91
C LEU B 94 26.69 7.19 -4.37
N ALA B 95 25.64 7.35 -5.19
CA ALA B 95 25.76 7.16 -6.63
C ALA B 95 26.80 8.13 -7.25
N GLU B 96 27.10 9.22 -6.56
CA GLU B 96 28.13 10.17 -6.98
C GLU B 96 29.49 9.46 -7.09
N TYR B 97 29.67 8.43 -6.27
CA TYR B 97 30.93 7.69 -6.18
C TYR B 97 30.87 6.32 -6.86
N ASP B 98 29.67 5.76 -6.99
CA ASP B 98 29.48 4.48 -7.66
C ASP B 98 28.16 4.54 -8.43
N PRO B 99 28.21 4.90 -9.73
CA PRO B 99 26.99 5.27 -10.45
C PRO B 99 25.83 4.26 -10.41
N ASP B 100 26.10 2.95 -10.50
CA ASP B 100 25.03 1.97 -10.53
C ASP B 100 24.14 2.00 -9.27
N LEU B 101 24.64 2.57 -8.17
CA LEU B 101 23.82 2.65 -6.95
C LEU B 101 22.58 3.52 -7.15
N GLY B 102 22.60 4.41 -8.13
CA GLY B 102 21.50 5.34 -8.31
C GLY B 102 20.16 4.67 -8.61
N VAL B 103 20.20 3.53 -9.29
CA VAL B 103 18.95 2.85 -9.64
C VAL B 103 18.19 2.49 -8.37
N LEU B 104 18.91 2.25 -7.29
CA LEU B 104 18.27 1.80 -6.06
C LEU B 104 17.52 2.93 -5.33
N TYR B 105 17.78 4.17 -5.74
CA TYR B 105 17.04 5.31 -5.21
C TYR B 105 15.98 5.82 -6.18
N GLY B 106 15.60 4.99 -7.13
CA GLY B 106 14.56 5.37 -8.08
C GLY B 106 13.18 5.42 -7.44
N PRO B 107 12.26 6.11 -8.12
CA PRO B 107 10.88 6.27 -7.63
C PRO B 107 10.03 5.01 -7.84
N PHE B 108 9.09 4.79 -6.93
CA PHE B 108 8.10 3.72 -7.02
C PHE B 108 8.76 2.39 -7.31
N LEU B 109 9.87 2.07 -6.61
CA LEU B 109 10.63 0.85 -6.93
C LEU B 109 9.91 -0.41 -6.44
N THR B 110 9.28 -0.28 -5.28
CA THR B 110 8.57 -1.37 -4.64
C THR B 110 7.77 -0.84 -3.45
N ASP B 111 6.60 -1.44 -3.25
CA ASP B 111 5.81 -1.23 -2.04
C ASP B 111 5.99 -2.41 -1.05
N ASP B 112 7.05 -3.18 -1.21
CA ASP B 112 7.35 -4.27 -0.29
C ASP B 112 8.73 -4.04 0.31
N PRO B 113 8.81 -3.22 1.38
CA PRO B 113 10.13 -2.91 1.94
C PRO B 113 10.95 -4.14 2.32
N ALA B 114 10.32 -5.20 2.82
CA ALA B 114 11.08 -6.39 3.22
C ALA B 114 11.87 -6.96 2.05
N GLN B 115 11.32 -6.88 0.84
CA GLN B 115 12.00 -7.37 -0.34
C GLN B 115 13.17 -6.43 -0.72
N LEU B 116 12.98 -5.13 -0.56
CA LEU B 116 14.05 -4.19 -0.79
C LEU B 116 15.21 -4.48 0.13
N PHE B 117 14.92 -4.81 1.38
CA PHE B 117 16.01 -5.12 2.31
C PHE B 117 16.75 -6.40 1.91
N LYS B 118 16.08 -7.28 1.16
CA LYS B 118 16.77 -8.46 0.65
C LYS B 118 17.85 -8.08 -0.34
N VAL B 119 17.57 -7.06 -1.16
CA VAL B 119 18.57 -6.52 -2.05
C VAL B 119 19.75 -5.91 -1.26
N TYR B 120 19.47 -5.15 -0.21
CA TYR B 120 20.57 -4.58 0.59
C TYR B 120 21.36 -5.67 1.34
N ASP B 121 20.76 -6.86 1.51
CA ASP B 121 21.40 -8.02 2.17
C ASP B 121 22.13 -8.96 1.18
N GLY B 122 22.05 -8.66 -0.11
CA GLY B 122 22.51 -9.57 -1.14
C GLY B 122 23.92 -9.28 -1.66
N PRO B 123 24.39 -10.16 -2.54
CA PRO B 123 25.77 -10.06 -3.00
C PRO B 123 26.08 -8.89 -3.94
N TRP B 124 25.12 -8.41 -4.72
CA TRP B 124 25.37 -7.25 -5.56
C TRP B 124 25.64 -6.02 -4.68
N PHE B 125 24.80 -5.79 -3.69
CA PHE B 125 25.02 -4.67 -2.81
C PHE B 125 26.34 -4.81 -2.03
N LYS B 126 26.69 -6.03 -1.62
CA LYS B 126 27.96 -6.24 -0.91
C LYS B 126 29.11 -5.80 -1.80
N GLU B 127 29.04 -6.16 -3.08
CA GLU B 127 30.13 -5.79 -3.98
C GLU B 127 30.20 -4.27 -4.18
N LYS B 128 29.04 -3.62 -4.26
CA LYS B 128 29.02 -2.17 -4.35
C LYS B 128 29.62 -1.53 -3.09
N SER B 129 29.37 -2.14 -1.95
CA SER B 129 29.92 -1.61 -0.71
C SER B 129 31.44 -1.76 -0.69
N GLU B 130 31.95 -2.87 -1.21
CA GLU B 130 33.37 -3.07 -1.32
C GLU B 130 34.01 -2.06 -2.26
N GLU B 131 33.32 -1.75 -3.34
CA GLU B 131 33.78 -0.72 -4.27
C GLU B 131 33.82 0.65 -3.60
N LEU B 132 32.86 0.94 -2.73
CA LEU B 132 32.81 2.23 -2.07
C LEU B 132 34.00 2.36 -1.13
N LYS B 133 34.40 1.26 -0.49
CA LYS B 133 35.54 1.31 0.42
C LYS B 133 36.82 1.76 -0.31
N LYS B 134 37.00 1.25 -1.52
CA LYS B 134 38.15 1.60 -2.33
C LYS B 134 38.14 3.09 -2.72
N LYS B 135 36.95 3.70 -2.68
CA LYS B 135 36.76 5.12 -2.94
C LYS B 135 36.77 5.94 -1.65
N GLY B 136 37.01 5.28 -0.52
CA GLY B 136 37.14 5.93 0.77
C GLY B 136 35.88 5.97 1.61
N ILE B 137 34.83 5.25 1.20
CA ILE B 137 33.54 5.33 1.87
C ILE B 137 33.18 4.01 2.54
N HIS B 138 32.85 4.07 3.81
CA HIS B 138 32.56 2.90 4.61
C HIS B 138 31.12 2.91 5.10
N ILE B 139 30.30 1.98 4.62
CA ILE B 139 28.91 1.87 5.10
C ILE B 139 28.93 1.17 6.45
N VAL B 140 28.40 1.85 7.46
CA VAL B 140 28.31 1.35 8.81
C VAL B 140 26.99 0.61 9.03
N MSE B 141 25.87 1.28 8.69
CA MSE B 141 24.52 0.72 8.78
C MSE B 141 23.88 0.64 7.39
O MSE B 141 23.73 1.66 6.71
CB MSE B 141 23.64 1.60 9.68
CG MSE B 141 22.28 1.02 9.96
SE MSE B 141 21.18 2.19 11.04
CE MSE B 141 22.29 2.35 12.68
H MSE B 141 25.89 2.09 8.38
HA MSE B 141 24.57 -0.17 9.17
HB2 MSE B 141 24.09 1.73 10.52
HB3 MSE B 141 23.52 2.46 9.24
HG2 MSE B 141 21.82 0.87 9.11
HG3 MSE B 141 22.39 0.17 10.43
HE1 MSE B 141 21.84 2.92 13.30
HE2 MSE B 141 22.42 1.47 13.06
HE3 MSE B 141 23.14 2.73 12.44
N PRO B 142 23.52 -0.57 6.95
CA PRO B 142 23.04 -0.71 5.58
C PRO B 142 21.52 -0.89 5.45
N ASN B 143 20.74 -0.78 6.53
CA ASN B 143 19.36 -1.30 6.51
C ASN B 143 18.39 -0.50 7.35
N TYR B 144 18.46 0.82 7.28
CA TYR B 144 17.51 1.68 8.00
C TYR B 144 16.25 1.96 7.15
N LEU B 145 15.08 1.68 7.69
CA LEU B 145 13.83 2.03 7.03
C LEU B 145 13.51 3.49 7.34
N TYR B 146 13.79 4.39 6.40
CA TYR B 146 13.60 5.82 6.66
C TYR B 146 12.13 6.21 6.54
N GLY B 147 11.41 5.52 5.66
CA GLY B 147 9.97 5.71 5.57
C GLY B 147 9.60 6.15 4.17
N ILE B 148 8.32 6.09 3.81
CA ILE B 148 7.93 6.36 2.45
C ILE B 148 7.71 7.88 2.26
N ARG B 149 8.32 8.44 1.23
CA ARG B 149 8.34 9.89 1.10
C ARG B 149 7.02 10.44 0.52
N GLN B 150 6.50 11.42 1.25
CA GLN B 150 5.27 12.12 0.90
C GLN B 150 5.60 13.59 0.62
N ILE B 151 4.59 14.37 0.24
CA ILE B 151 4.82 15.79 -0.08
C ILE B 151 3.91 16.70 0.75
N ILE B 152 4.48 17.74 1.38
CA ILE B 152 3.68 18.75 2.05
C ILE B 152 3.87 20.07 1.28
N SER B 153 2.79 20.81 1.07
CA SER B 153 2.87 21.98 0.22
C SER B 153 1.85 23.05 0.61
N LYS B 154 2.11 24.26 0.15
CA LYS B 154 1.25 25.39 0.46
C LYS B 154 -0.05 25.33 -0.30
N LYS B 155 0.00 24.77 -1.51
CA LYS B 155 -1.20 24.59 -2.32
C LYS B 155 -1.41 23.10 -2.54
N PRO B 156 -2.67 22.68 -2.66
CA PRO B 156 -2.91 21.23 -2.75
C PRO B 156 -2.43 20.59 -4.04
N ILE B 157 -1.84 19.41 -3.87
CA ILE B 157 -1.45 18.55 -4.98
C ILE B 157 -2.44 17.37 -5.02
N ARG B 158 -3.45 17.49 -5.89
CA ARG B 158 -4.49 16.47 -6.01
C ARG B 158 -4.22 15.52 -7.19
N THR B 159 -3.52 16.02 -8.20
CA THR B 159 -3.15 15.22 -9.36
C THR B 159 -1.82 15.75 -9.86
N PRO B 160 -1.15 15.02 -10.77
CA PRO B 160 0.13 15.53 -11.25
C PRO B 160 0.04 16.92 -11.87
N GLU B 161 -1.11 17.30 -12.44
CA GLU B 161 -1.22 18.63 -13.04
C GLU B 161 -0.90 19.72 -12.01
N ASP B 162 -1.27 19.48 -10.76
CA ASP B 162 -1.08 20.48 -9.71
C ASP B 162 0.40 20.68 -9.39
N LEU B 163 1.22 19.68 -9.70
CA LEU B 163 2.66 19.76 -9.44
C LEU B 163 3.35 20.69 -10.41
N LYS B 164 2.76 20.86 -11.59
CA LYS B 164 3.42 21.57 -12.67
C LYS B 164 3.80 22.96 -12.23
N GLY B 165 5.08 23.28 -12.34
CA GLY B 165 5.54 24.61 -11.99
C GLY B 165 5.71 24.84 -10.49
N MSE B 166 5.38 23.86 -9.66
CA MSE B 166 5.61 24.01 -8.21
C MSE B 166 7.09 23.90 -7.84
O MSE B 166 7.78 22.97 -8.28
CB MSE B 166 4.81 22.96 -7.44
CG MSE B 166 3.51 23.40 -6.86
SE MSE B 166 3.03 22.19 -5.35
CE MSE B 166 1.14 22.60 -5.46
H MSE B 166 5.03 23.11 -9.90
HA MSE B 166 5.28 24.89 -7.94
HB2 MSE B 166 4.62 22.22 -8.04
HB3 MSE B 166 5.37 22.66 -6.71
HG2 MSE B 166 3.59 24.31 -6.52
HG3 MSE B 166 2.82 23.35 -7.53
HE1 MSE B 166 0.68 22.09 -4.78
HE2 MSE B 166 1.01 23.53 -5.31
HE3 MSE B 166 0.81 22.34 -6.32
N LYS B 167 7.60 24.81 -7.03
CA LYS B 167 8.99 24.74 -6.58
C LYS B 167 9.05 23.85 -5.35
N ILE B 168 9.52 22.62 -5.53
CA ILE B 168 9.60 21.66 -4.41
C ILE B 168 11.05 21.53 -3.98
N ARG B 169 11.34 21.77 -2.71
CA ARG B 169 12.70 21.49 -2.22
C ARG B 169 12.98 20.00 -2.27
N VAL B 170 14.18 19.66 -2.72
CA VAL B 170 14.68 18.31 -2.64
C VAL B 170 16.11 18.36 -2.10
N PRO B 171 16.65 17.21 -1.66
CA PRO B 171 18.05 17.23 -1.25
C PRO B 171 18.99 17.35 -2.47
N ASN B 172 20.28 17.51 -2.18
CA ASN B 172 21.30 17.57 -3.22
C ASN B 172 21.61 16.18 -3.73
N ASN B 173 20.63 15.62 -4.42
CA ASN B 173 20.57 14.20 -4.77
C ASN B 173 20.08 14.11 -6.23
N VAL B 174 20.91 13.59 -7.14
CA VAL B 174 20.59 13.63 -8.56
C VAL B 174 19.30 12.88 -8.90
N MSE B 175 19.11 11.68 -8.35
CA MSE B 175 17.94 10.88 -8.64
C MSE B 175 16.66 11.61 -8.21
O MSE B 175 15.68 11.63 -8.94
CB MSE B 175 18.06 9.49 -8.00
CG MSE B 175 16.87 8.60 -8.13
SE MSE B 175 16.26 8.36 -9.97
CE MSE B 175 17.09 6.64 -10.41
H MSE B 175 19.65 11.32 -7.79
HA MSE B 175 17.90 10.74 -9.61
HB2 MSE B 175 18.82 9.03 -8.41
HB3 MSE B 175 18.24 9.61 -7.05
HG2 MSE B 175 17.09 7.72 -7.77
HG3 MSE B 175 16.14 8.98 -7.62
HE1 MSE B 175 16.86 6.41 -11.32
HE2 MSE B 175 18.04 6.72 -10.32
HE3 MSE B 175 16.76 5.98 -9.81
N GLN B 176 16.69 12.25 -7.05
CA GLN B 176 15.53 13.01 -6.59
C GLN B 176 15.24 14.25 -7.42
N ILE B 177 16.29 14.97 -7.83
CA ILE B 177 16.14 16.09 -8.76
C ILE B 177 15.51 15.62 -10.07
N LYS B 178 16.04 14.57 -10.68
CA LYS B 178 15.48 14.08 -11.94
C LYS B 178 14.06 13.52 -11.79
N THR B 179 13.77 12.92 -10.63
CA THR B 179 12.44 12.38 -10.37
C THR B 179 11.40 13.49 -10.31
N PHE B 180 11.70 14.57 -9.61
CA PHE B 180 10.74 15.67 -9.58
C PHE B 180 10.63 16.42 -10.91
N GLU B 181 11.74 16.51 -11.64
CA GLU B 181 11.69 17.04 -13.00
C GLU B 181 10.71 16.21 -13.87
N ALA B 182 10.83 14.90 -13.78
CA ALA B 182 10.03 13.97 -14.57
C ALA B 182 8.53 14.04 -14.24
N MSE B 183 8.23 14.29 -12.96
CA MSE B 183 6.86 14.47 -12.51
C MSE B 183 6.28 15.87 -12.81
O MSE B 183 5.09 16.11 -12.59
CB MSE B 183 6.74 14.15 -11.02
CG MSE B 183 6.92 12.64 -10.73
SE MSE B 183 6.40 12.01 -8.93
CE MSE B 183 7.63 13.15 -7.87
H MSE B 183 8.81 14.34 -12.32
HA MSE B 183 6.29 13.81 -12.98
HB2 MSE B 183 7.42 14.63 -10.53
HB3 MSE B 183 5.86 14.42 -10.71
HG2 MSE B 183 6.38 12.14 -11.37
HG3 MSE B 183 7.84 12.41 -10.84
HE1 MSE B 183 7.50 12.96 -6.93
HE2 MSE B 183 8.53 12.95 -8.11
HE3 MSE B 183 7.43 14.08 -8.04
N GLY B 184 7.11 16.79 -13.28
CA GLY B 184 6.62 18.07 -13.75
C GLY B 184 6.90 19.24 -12.84
N ALA B 185 7.48 18.97 -11.67
CA ALA B 185 7.80 20.02 -10.71
C ALA B 185 9.10 20.75 -11.08
N THR B 186 9.39 21.79 -10.32
CA THR B 186 10.65 22.52 -10.42
C THR B 186 11.45 22.25 -9.15
N PRO B 187 12.26 21.20 -9.16
CA PRO B 187 13.02 20.85 -7.97
C PRO B 187 14.01 21.94 -7.62
N THR B 188 14.15 22.18 -6.32
CA THR B 188 15.06 23.19 -5.82
C THR B 188 15.93 22.56 -4.73
N PRO B 189 17.14 22.12 -5.10
CA PRO B 189 17.98 21.39 -4.14
C PRO B 189 18.62 22.27 -3.08
N MSE B 190 18.58 21.81 -1.83
CA MSE B 190 19.26 22.49 -0.72
C MSE B 190 19.28 21.55 0.48
O MSE B 190 18.47 20.63 0.55
CB MSE B 190 18.55 23.79 -0.33
CG MSE B 190 17.19 23.53 0.25
SE MSE B 190 16.25 25.24 0.55
CE MSE B 190 15.89 25.68 -1.31
H MSE B 190 18.16 21.10 -1.59
HA MSE B 190 20.18 22.70 -0.99
HB2 MSE B 190 19.09 24.25 0.32
HB3 MSE B 190 18.46 24.34 -1.13
HG2 MSE B 190 16.67 22.99 -0.37
HG3 MSE B 190 17.28 23.08 1.10
HE1 MSE B 190 15.42 26.50 -1.35
HE2 MSE B 190 16.73 25.75 -1.78
HE3 MSE B 190 15.36 24.98 -1.70
N PRO B 191 20.25 21.73 1.39
CA PRO B 191 20.28 20.89 2.59
C PRO B 191 19.01 21.06 3.43
N LEU B 192 18.63 20.01 4.14
CA LEU B 192 17.38 20.04 4.91
C LEU B 192 17.39 21.16 5.94
N GLY B 193 18.55 21.44 6.52
CA GLY B 193 18.65 22.47 7.53
C GLY B 193 18.40 23.88 7.05
N GLU B 194 18.41 24.10 5.74
CA GLU B 194 18.12 25.39 5.16
C GLU B 194 16.67 25.53 4.71
N THR B 195 15.89 24.47 4.85
CA THR B 195 14.60 24.39 4.15
C THR B 195 13.47 25.18 4.83
N PHE B 196 13.41 25.20 6.16
CA PHE B 196 12.28 25.86 6.78
C PHE B 196 12.22 27.35 6.37
N PRO B 197 13.34 28.07 6.50
CA PRO B 197 13.23 29.49 6.14
C PRO B 197 12.90 29.70 4.68
N ALA B 198 13.37 28.82 3.80
CA ALA B 198 13.09 28.96 2.37
C ALA B 198 11.60 28.77 2.11
N LEU B 199 10.99 27.85 2.84
CA LEU B 199 9.54 27.62 2.75
C LEU B 199 8.75 28.84 3.26
N ALA B 200 9.14 29.35 4.41
CA ALA B 200 8.50 30.54 4.96
C ALA B 200 8.64 31.76 4.04
N GLN B 201 9.75 31.89 3.32
CA GLN B 201 10.00 33.07 2.47
C GLN B 201 9.40 32.93 1.07
N GLY B 202 8.88 31.76 0.72
CA GLY B 202 8.30 31.55 -0.59
C GLY B 202 9.33 31.19 -1.65
N VAL B 203 10.54 30.90 -1.22
CA VAL B 203 11.57 30.43 -2.15
C VAL B 203 11.16 29.08 -2.72
N ILE B 204 10.54 28.26 -1.89
CA ILE B 204 9.95 26.99 -2.28
C ILE B 204 8.49 26.95 -1.82
N ASP B 205 7.72 26.06 -2.42
CA ASP B 205 6.29 25.92 -2.15
C ASP B 205 5.97 24.63 -1.42
N GLY B 206 6.92 23.69 -1.40
CA GLY B 206 6.69 22.43 -0.72
C GLY B 206 7.96 21.65 -0.45
N VAL B 207 7.81 20.61 0.37
CA VAL B 207 8.91 19.78 0.84
C VAL B 207 8.50 18.32 0.77
N GLU B 208 9.46 17.42 0.55
CA GLU B 208 9.12 16.02 0.41
C GLU B 208 10.02 15.19 1.33
N ASN B 209 9.44 14.20 2.00
CA ASN B 209 10.15 13.41 3.04
C ASN B 209 9.12 12.47 3.64
N PRO B 210 9.60 11.47 4.40
CA PRO B 210 8.64 10.69 5.19
C PRO B 210 7.86 11.59 6.16
N ILE B 211 6.66 11.18 6.51
CA ILE B 211 5.79 12.03 7.32
C ILE B 211 6.40 12.36 8.68
N SER B 212 7.10 11.42 9.31
CA SER B 212 7.72 11.68 10.61
C SER B 212 8.76 12.78 10.51
N VAL B 213 9.46 12.79 9.39
CA VAL B 213 10.50 13.80 9.17
C VAL B 213 9.86 15.16 8.90
N LEU B 214 8.85 15.20 8.02
CA LEU B 214 8.17 16.46 7.73
C LEU B 214 7.65 17.07 9.03
N TYR B 215 7.09 16.21 9.89
CA TYR B 215 6.50 16.66 11.15
C TYR B 215 7.54 17.15 12.14
N GLY B 216 8.65 16.43 12.26
CA GLY B 216 9.70 16.84 13.17
C GLY B 216 10.40 18.11 12.75
N GLN B 217 10.42 18.37 11.45
CA GLN B 217 11.04 19.57 10.91
C GLN B 217 10.08 20.77 10.91
N LYS B 218 8.82 20.51 11.28
CA LYS B 218 7.81 21.54 11.56
C LYS B 218 7.27 22.25 10.33
N PHE B 219 7.35 21.62 9.15
CA PHE B 219 6.93 22.29 7.93
C PHE B 219 5.41 22.58 7.93
N GLN B 220 4.67 21.81 8.72
CA GLN B 220 3.25 22.06 8.90
C GLN B 220 2.97 23.48 9.40
N GLU B 221 3.98 24.15 9.99
CA GLU B 221 3.76 25.54 10.38
C GLU B 221 3.60 26.49 9.19
N GLU B 222 4.04 26.05 8.02
CA GLU B 222 4.08 26.88 6.83
C GLU B 222 3.29 26.33 5.65
N ALA B 223 2.89 25.06 5.75
CA ALA B 223 2.23 24.38 4.64
C ALA B 223 1.15 23.43 5.20
N LYS B 224 -0.05 23.48 4.64
CA LYS B 224 -1.19 22.80 5.26
C LYS B 224 -1.87 21.71 4.41
N TYR B 225 -1.24 21.32 3.31
CA TYR B 225 -1.73 20.21 2.47
C TYR B 225 -0.64 19.15 2.33
N LEU B 226 -0.98 17.92 2.66
CA LEU B 226 -0.05 16.80 2.57
C LEU B 226 -0.62 15.75 1.63
N SER B 227 0.06 15.51 0.52
CA SER B 227 -0.37 14.52 -0.47
C SER B 227 0.40 13.21 -0.35
N LYS B 228 -0.35 12.12 -0.23
CA LYS B 228 0.22 10.80 -0.01
C LYS B 228 0.55 10.11 -1.32
N VAL B 229 1.47 10.73 -2.04
CA VAL B 229 2.01 10.18 -3.29
C VAL B 229 2.87 8.93 -3.09
N GLY B 230 3.61 8.85 -1.98
CA GLY B 230 4.45 7.69 -1.66
C GLY B 230 5.41 7.33 -2.79
N TYR B 231 6.13 8.34 -3.28
CA TYR B 231 6.89 8.18 -4.50
C TYR B 231 8.24 7.46 -4.29
N LEU B 232 8.71 7.35 -3.05
CA LEU B 232 10.01 6.74 -2.79
C LEU B 232 9.96 5.95 -1.49
N THR B 233 10.09 4.64 -1.62
CA THR B 233 10.21 3.75 -0.46
C THR B 233 11.67 3.79 0.01
N ASN B 234 11.89 4.53 1.09
CA ASN B 234 13.18 5.09 1.43
C ASN B 234 13.96 4.23 2.41
N VAL B 235 15.10 3.70 1.96
CA VAL B 235 16.13 3.12 2.84
C VAL B 235 17.24 4.12 3.10
N ALA B 236 17.66 4.25 4.35
CA ALA B 236 18.76 5.14 4.72
C ALA B 236 19.97 4.32 5.16
N LEU B 237 21.14 4.94 5.05
CA LEU B 237 22.40 4.33 5.48
C LEU B 237 23.07 5.23 6.50
N ILE B 238 23.94 4.65 7.32
CA ILE B 238 24.93 5.43 8.06
C ILE B 238 26.26 5.18 7.39
N VAL B 239 26.91 6.26 6.96
CA VAL B 239 28.19 6.13 6.27
C VAL B 239 29.31 6.95 6.91
N GLY B 240 30.52 6.40 6.84
CA GLY B 240 31.72 7.08 7.30
C GLY B 240 32.87 6.90 6.32
N GLY B 241 34.07 7.22 6.78
CA GLY B 241 35.27 7.16 5.95
C GLY B 241 36.06 5.88 6.20
N GLU B 242 36.52 5.27 5.11
CA GLU B 242 37.33 4.08 5.23
C GLU B 242 38.63 4.39 5.98
N ALA B 243 39.14 5.61 5.79
CA ALA B 243 40.37 6.04 6.43
C ALA B 243 40.21 5.98 7.95
N PHE B 244 39.07 6.41 8.45
CA PHE B 244 38.81 6.33 9.88
C PHE B 244 38.52 4.90 10.35
N PHE B 245 37.63 4.20 9.67
CA PHE B 245 37.24 2.88 10.16
C PHE B 245 38.36 1.86 10.06
N SER B 246 39.32 2.07 9.19
CA SER B 246 40.43 1.13 9.10
C SER B 246 41.37 1.23 10.32
N THR B 247 41.22 2.28 11.14
CA THR B 247 42.04 2.41 12.36
C THR B 247 41.49 1.61 13.53
N LEU B 248 40.28 1.07 13.41
CA LEU B 248 39.67 0.33 14.50
C LEU B 248 39.96 -1.18 14.36
N PRO B 249 40.19 -1.84 15.50
CA PRO B 249 40.48 -3.29 15.48
C PRO B 249 39.22 -4.10 15.27
N GLU B 250 39.45 -5.36 14.87
CA GLU B 250 38.42 -6.32 14.52
C GLU B 250 37.27 -6.39 15.51
N ASP B 251 37.58 -6.50 16.80
CA ASP B 251 36.52 -6.70 17.79
C ASP B 251 35.62 -5.47 17.95
N GLN B 252 36.21 -4.28 17.77
CA GLN B 252 35.40 -3.07 17.82
C GLN B 252 34.56 -2.88 16.56
N LEU B 253 35.14 -3.17 15.40
CA LEU B 253 34.39 -3.12 14.16
C LEU B 253 33.19 -4.03 14.20
N LYS B 254 33.38 -5.21 14.79
CA LYS B 254 32.30 -6.17 14.91
C LYS B 254 31.15 -5.61 15.76
N MSE B 255 31.48 -5.03 16.90
CA MSE B 255 30.43 -4.44 17.76
C MSE B 255 29.69 -3.30 17.09
O MSE B 255 28.46 -3.19 17.23
CB MSE B 255 31.02 -3.97 19.08
CG MSE B 255 31.44 -5.14 19.97
SE MSE B 255 32.13 -4.50 21.65
CE MSE B 255 33.65 -3.60 20.97
H MSE B 255 32.28 -4.95 17.21
HA MSE B 255 29.79 -5.15 17.96
HB2 MSE B 255 31.80 -3.43 18.90
HB3 MSE B 255 30.35 -3.46 19.56
HG2 MSE B 255 30.67 -5.71 20.14
HG3 MSE B 255 32.13 -5.66 19.52
HE1 MSE B 255 34.12 -3.21 21.70
HE2 MSE B 255 34.21 -4.24 20.52
HE3 MSE B 255 33.36 -2.92 20.35
N ILE B 256 30.43 -2.46 16.38
CA ILE B 256 29.87 -1.32 15.69
C ILE B 256 28.91 -1.81 14.60
N HIS B 257 29.35 -2.79 13.83
CA HIS B 257 28.53 -3.27 12.72
C HIS B 257 27.30 -4.02 13.19
N GLU B 258 27.49 -4.91 14.16
CA GLU B 258 26.38 -5.72 14.62
C GLU B 258 25.32 -4.88 15.32
N SER B 259 25.78 -3.98 16.20
CA SER B 259 24.86 -3.04 16.85
C SER B 259 24.13 -2.16 15.82
N ALA B 260 24.83 -1.72 14.78
CA ALA B 260 24.22 -0.87 13.76
C ALA B 260 23.14 -1.65 12.98
N TYR B 261 23.47 -2.88 12.57
CA TYR B 261 22.52 -3.71 11.84
C TYR B 261 21.27 -3.99 12.69
N ASP B 262 21.45 -4.21 13.99
CA ASP B 262 20.30 -4.43 14.85
C ASP B 262 19.42 -3.18 15.00
N ALA B 263 20.05 -2.00 15.01
CA ALA B 263 19.31 -0.73 14.99
C ALA B 263 18.48 -0.59 13.70
N GLY B 264 19.07 -0.94 12.57
CA GLY B 264 18.34 -1.03 11.31
C GLY B 264 17.10 -1.89 11.41
N LEU B 265 17.27 -3.09 11.96
CA LEU B 265 16.15 -4.03 12.10
C LEU B 265 15.05 -3.46 12.99
N TYR B 266 15.45 -2.75 14.04
CA TYR B 266 14.49 -2.05 14.89
C TYR B 266 13.72 -0.99 14.10
N SER B 267 14.42 -0.24 13.25
CA SER B 267 13.73 0.78 12.46
C SER B 267 12.68 0.18 11.54
N GLN B 268 12.90 -1.06 11.11
CA GLN B 268 11.99 -1.72 10.20
C GLN B 268 10.66 -2.05 10.86
N LYS B 269 10.64 -2.08 12.18
CA LYS B 269 9.41 -2.25 12.95
C LYS B 269 8.87 -0.94 13.50
N LEU B 270 9.72 0.07 13.60
CA LEU B 270 9.33 1.32 14.23
C LEU B 270 8.78 2.34 13.25
N THR B 271 9.43 2.49 12.10
CA THR B 271 9.11 3.58 11.20
C THR B 271 7.68 3.55 10.67
N ILE B 272 7.20 2.38 10.29
CA ILE B 272 5.82 2.24 9.79
C ILE B 272 4.80 2.65 10.85
N GLU B 273 4.99 2.16 12.08
CA GLU B 273 4.10 2.50 13.20
C GLU B 273 4.09 4.01 13.45
N LYS B 274 5.28 4.60 13.44
CA LYS B 274 5.43 6.03 13.70
C LYS B 274 4.85 6.87 12.59
N ASP B 275 5.11 6.51 11.33
CA ASP B 275 4.53 7.25 10.22
C ASP B 275 2.98 7.21 10.24
N ASN B 276 2.38 6.12 10.70
CA ASN B 276 0.94 6.05 10.85
C ASN B 276 0.42 6.98 11.98
N GLU B 277 1.13 6.98 13.10
CA GLU B 277 0.80 7.86 14.22
C GLU B 277 0.89 9.32 13.80
N MSE B 278 1.80 9.61 12.89
CA MSE B 278 2.09 10.99 12.50
C MSE B 278 0.95 11.60 11.70
O MSE B 278 0.78 12.81 11.71
CB MSE B 278 3.35 11.08 11.66
CG MSE B 278 4.59 10.84 12.39
SE MSE B 278 4.87 12.25 13.71
CE MSE B 278 4.38 11.36 15.36
H MSE B 278 2.29 9.02 12.48
HA MSE B 278 2.23 11.53 13.32
HB2 MSE B 278 3.29 10.41 10.96
HB3 MSE B 278 3.40 11.97 11.27
HG2 MSE B 278 4.54 9.99 12.86
HG3 MSE B 278 5.34 10.85 11.77
HE1 MSE B 278 4.48 11.98 16.10
HE2 MSE B 278 3.47 11.07 15.31
HE3 MSE B 278 4.96 10.61 15.49
N ILE B 279 0.16 10.77 11.03
CA ILE B 279 -1.04 11.29 10.32
C ILE B 279 -1.98 12.08 11.21
N GLU B 280 -2.37 11.49 12.34
CA GLU B 280 -3.28 12.17 13.25
C GLU B 280 -2.59 13.42 13.82
N LYS B 281 -1.28 13.35 14.02
CA LYS B 281 -0.61 14.55 14.54
C LYS B 281 -0.64 15.67 13.51
N MSE B 282 -0.47 15.33 12.24
CA MSE B 282 -0.53 16.33 11.19
C MSE B 282 -1.95 16.94 11.12
O MSE B 282 -2.12 18.16 10.97
CB MSE B 282 -0.19 15.71 9.83
CG MSE B 282 1.28 15.52 9.51
SE MSE B 282 2.12 17.27 9.30
CE MSE B 282 3.88 16.75 8.57
H MSE B 282 -0.32 14.53 11.96
HA MSE B 282 0.13 17.05 11.36
HB2 MSE B 282 -0.60 14.82 9.79
HB3 MSE B 282 -0.57 16.27 9.13
HG2 MSE B 282 1.72 15.05 10.23
HG3 MSE B 282 1.38 15.02 8.68
HE1 MSE B 282 4.40 17.54 8.41
HE2 MSE B 282 4.32 16.18 9.21
HE3 MSE B 282 3.75 16.28 7.74
N LYS B 283 -2.95 16.09 11.23
CA LYS B 283 -4.34 16.57 11.19
C LYS B 283 -4.63 17.49 12.38
N GLU B 284 -4.09 17.15 13.54
CA GLU B 284 -4.24 18.00 14.74
C GLU B 284 -3.53 19.35 14.58
N ALA B 285 -2.52 19.40 13.72
CA ALA B 285 -1.81 20.62 13.42
C ALA B 285 -2.48 21.41 12.31
N GLY B 286 -3.66 20.96 11.86
CA GLY B 286 -4.41 21.67 10.85
C GLY B 286 -3.98 21.41 9.43
N VAL B 287 -3.36 20.26 9.19
CA VAL B 287 -2.95 19.85 7.85
C VAL B 287 -3.98 18.90 7.26
N GLU B 288 -4.40 19.16 6.01
CA GLU B 288 -5.33 18.28 5.34
C GLU B 288 -4.53 17.17 4.68
N ILE B 289 -4.94 15.92 4.91
CA ILE B 289 -4.35 14.79 4.22
C ILE B 289 -5.08 14.51 2.91
N ILE B 290 -4.35 14.58 1.81
CA ILE B 290 -4.96 14.41 0.50
C ILE B 290 -4.54 13.04 -0.02
N ASP B 291 -5.50 12.14 -0.16
CA ASP B 291 -5.24 10.86 -0.82
C ASP B 291 -5.32 11.10 -2.33
N VAL B 292 -4.28 10.69 -3.04
CA VAL B 292 -4.22 10.77 -4.50
C VAL B 292 -4.14 9.40 -5.13
N ASP B 293 -4.54 9.32 -6.40
CA ASP B 293 -4.26 8.12 -7.18
C ASP B 293 -2.79 8.19 -7.56
N ARG B 294 -2.01 7.24 -7.06
CA ARG B 294 -0.56 7.25 -7.24
C ARG B 294 -0.14 6.90 -8.66
N ALA B 295 -0.98 6.18 -9.39
CA ALA B 295 -0.56 5.61 -10.66
C ALA B 295 -0.06 6.64 -11.69
N PRO B 296 -0.77 7.76 -11.84
CA PRO B 296 -0.34 8.80 -12.78
C PRO B 296 0.98 9.46 -12.41
N PHE B 297 1.27 9.55 -11.11
CA PHE B 297 2.54 10.08 -10.66
C PHE B 297 3.65 9.13 -11.03
N LYS B 298 3.39 7.83 -10.85
CA LYS B 298 4.35 6.79 -11.16
C LYS B 298 4.63 6.73 -12.67
N ALA B 299 3.58 6.86 -13.47
CA ALA B 299 3.74 6.82 -14.92
C ALA B 299 4.69 7.92 -15.38
N LEU B 300 4.59 9.10 -14.78
CA LEU B 300 5.53 10.20 -15.07
C LEU B 300 6.94 9.92 -14.51
N ALA B 301 6.99 9.47 -13.27
CA ALA B 301 8.26 9.33 -12.55
C ALA B 301 9.13 8.28 -13.21
N GLU B 302 8.51 7.24 -13.75
CA GLU B 302 9.26 6.07 -14.23
C GLU B 302 10.11 6.36 -15.45
N LYS B 303 9.86 7.49 -16.11
CA LYS B 303 10.75 7.94 -17.17
C LYS B 303 12.21 8.08 -16.73
N VAL B 304 12.47 8.35 -15.45
CA VAL B 304 13.85 8.57 -15.03
C VAL B 304 14.75 7.35 -15.23
N TYR B 305 14.15 6.17 -15.26
CA TYR B 305 14.96 4.95 -15.34
C TYR B 305 15.66 4.83 -16.70
N THR B 306 15.30 5.68 -17.66
CA THR B 306 15.98 5.67 -18.94
C THR B 306 16.87 6.89 -19.16
N GLN B 307 17.16 7.65 -18.09
CA GLN B 307 17.91 8.90 -18.20
C GLN B 307 19.31 8.83 -17.56
N PHE B 308 19.85 7.62 -17.43
CA PHE B 308 21.14 7.39 -16.78
C PHE B 308 22.04 6.52 -17.67
N PRO B 309 22.63 7.14 -18.69
CA PRO B 309 23.40 6.31 -19.65
C PRO B 309 24.69 5.71 -19.04
N GLU B 310 25.11 6.23 -17.90
CA GLU B 310 26.30 5.70 -17.23
C GLU B 310 26.03 4.35 -16.55
N TRP B 311 24.77 4.00 -16.35
CA TRP B 311 24.47 2.74 -15.66
C TRP B 311 24.91 1.57 -16.52
N SER B 312 25.37 0.51 -15.87
CA SER B 312 25.70 -0.74 -16.56
C SER B 312 24.51 -1.24 -17.38
N PRO B 313 24.77 -1.93 -18.50
CA PRO B 313 23.65 -2.45 -19.30
C PRO B 313 22.77 -3.43 -18.51
N GLY B 314 21.45 -3.28 -18.61
CA GLY B 314 20.52 -4.22 -17.98
C GLY B 314 20.37 -4.07 -16.47
N LEU B 315 20.88 -2.99 -15.92
CA LEU B 315 20.84 -2.77 -14.47
C LEU B 315 19.40 -2.73 -13.89
N TYR B 316 18.54 -1.89 -14.47
CA TYR B 316 17.19 -1.75 -13.95
C TYR B 316 16.45 -3.09 -14.03
N ASP B 317 16.63 -3.81 -15.13
CA ASP B 317 16.00 -5.12 -15.26
C ASP B 317 16.48 -6.10 -14.18
N LYS B 318 17.76 -6.08 -13.87
CA LYS B 318 18.31 -6.95 -12.84
C LYS B 318 17.73 -6.63 -11.47
N ILE B 319 17.67 -5.34 -11.14
CA ILE B 319 17.11 -4.94 -9.86
C ILE B 319 15.62 -5.28 -9.76
N LYS B 320 14.86 -5.04 -10.82
CA LYS B 320 13.45 -5.39 -10.83
C LYS B 320 13.25 -6.88 -10.59
N ALA B 321 14.13 -7.69 -11.16
CA ALA B 321 14.04 -9.13 -11.00
C ALA B 321 14.30 -9.53 -9.55
N GLU B 322 15.23 -8.84 -8.89
CA GLU B 322 15.52 -9.11 -7.47
C GLU B 322 14.32 -8.75 -6.60
N LEU B 323 13.50 -7.81 -7.06
CA LEU B 323 12.38 -7.33 -6.24
C LEU B 323 11.08 -8.12 -6.46
N ASN B 324 11.12 -9.01 -7.45
CA ASN B 324 10.02 -9.94 -7.72
C ASN B 324 10.14 -11.27 -6.98
CL CL C . -15.76 0.85 -6.64
CL CL D . -13.21 2.14 -5.67
O1A LFC E . -19.10 -2.04 -4.51
C1 LFC E . -19.91 -2.95 -4.19
O1B LFC E . -20.98 -3.21 -4.77
C2 LFC E . -19.44 -3.93 -3.08
O2 LFC E . -20.54 -4.75 -2.64
C3 LFC E . -18.29 -4.79 -3.64
O3 LFC E . -18.84 -5.55 -4.76
C4 LFC E . -17.79 -5.72 -2.53
O4 LFC E . -17.16 -4.92 -1.54
C5 LFC E . -16.75 -6.74 -3.11
C6 LFC E . -16.37 -7.80 -2.07
O5 LFC E . -15.57 -6.07 -3.55
C1 PEG F . -38.62 -15.48 -26.50
O1 PEG F . -39.92 -15.17 -26.01
C2 PEG F . -37.58 -14.61 -25.77
O2 PEG F . -37.87 -13.25 -26.10
C3 PEG F . -36.98 -12.39 -25.39
C4 PEG F . -37.37 -10.97 -25.70
O4 PEG F . -38.70 -10.74 -25.17
CL CL G . 24.25 18.32 1.12
O1A LFC H . 17.61 16.01 3.15
C1 LFC H . 16.61 15.33 3.51
O1B LFC H . 15.44 15.55 3.17
C2 LFC H . 16.87 14.09 4.38
O2 LFC H . 15.63 13.57 4.94
C3 LFC H . 17.52 13.02 3.51
O3 LFC H . 16.57 12.67 2.46
C4 LFC H . 17.84 11.79 4.36
O4 LFC H . 18.91 12.11 5.28
C5 LFC H . 18.30 10.59 3.48
C6 LFC H . 18.42 9.33 4.36
O5 LFC H . 19.60 10.87 2.90
#